data_9GG9
#
_entry.id   9GG9
#
_cell.length_a   144.651
_cell.length_b   68.816
_cell.length_c   106.754
_cell.angle_alpha   90.00
_cell.angle_beta   95.36
_cell.angle_gamma   90.00
#
_symmetry.space_group_name_H-M   'C 1 2 1'
#
loop_
_entity.id
_entity.type
_entity.pdbx_description
1 polymer 'Phosphatidylinositol 4,5-bisphosphate 3-kinase catalytic subunit gamma isoform'
2 non-polymer 3-[(1~{S})-1-[4-azanyl-3-(3-fluoranyl-5-oxidanyl-phenyl)pyrazolo[3,4-d]pyrimidin-1-yl]ethyl]-4-phenyl-isochromen-1-one
3 non-polymer 'SULFATE ION'
4 water water
#
_entity_poly.entity_id   1
_entity_poly.type   'polypeptide(L)'
_entity_poly.pdbx_seq_one_letter_code
;MLLGSSEESQAFQRQLTALIGYDVTDVSNVHDDELEFTRRGLVTPRMAEVASRDPKLYAMHPWVTSKPLPEYLWKKIANN
CIFIVIHRSTTSQTIKVSPDDTPGAILQSFFTKMAKKKSLMDIPESQSEQDFVLRVCGRDEYLVGETPIKNFQWVRHCLK
NGEEIHVVLDTPPDPALDEVRKEEWPLVDDCTGVTGYHEQLTIHGKDHESVFTVSLWDCDRKFRVKIRGIDIPVLPRNTD
LTVFVEANIQHGQQVLCQRRTSPKPFTEEVLWNVWLEFSIKIKDLPKGALLNLQIYCGKAPALSSKASAESPSSESKGKV
QLLYYVNLLLIDHRFLLRRGEYVLHMWQISGKGEDQGSFNADKLTSATNPDKENSMSISILLDNYCHPIALPKHQPTPDP
EGDRVRAEMPNQLRKQLEAIIATDPLNPLTAEDKELLWHFRYESLKHPKAYPKLFSSVKWGQQEIVAKTYQLLARREVWD
QSALDVGLTMQLLDCNFSDENVRAIAVQKLESLEDDDVLHYLLQLVQAVKFEPYHDSALARFLLKRGLRNKRIGHFLFWF
LRSEIAQSRHYQQRFAVILEAYLRGCGTAMLHDFTQQVQVIEMLQKVTLDIKSLSAEKYDVSSQVISQLKQKLENLQNSQ
LPESFRVPYDPGLKAGALAIEKCKVMASKKKPLWLEFKCADPTALSNETIGIIFKHGDDLRQDMLILQILRIMESIWETE
SLDLCLLPYGCISTGDKIGMIEIVKDATTIAKIQQSTVGNTGAFKDEVLNHWLKEKSPTEEKFQAAVERFVYSCAGYCVA
TFVLGIGDRHNDNIMITETGNLFHIDFGHILGNYKSFLGINKERVPFVLTPDFLFVMGTSGKKTSPHFQKFQDICVKAYL
ALRHHTNLLIILFSMMLMTGMPQLTSKEDIEYIRDALTVGKNEEDAKKYFLDQIEVCRDKGWTVQFNWFLHLVLGIKQGE
KHSAEFGLVPRGSGHHHHHH
;
_entity_poly.pdbx_strand_id   A
#
# COMPACT_ATOMS: atom_id res chain seq x y z
N SER A 6 25.54 -28.13 -2.77
CA SER A 6 25.17 -28.40 -1.34
C SER A 6 26.06 -27.61 -0.37
N GLU A 7 27.35 -27.52 -0.69
CA GLU A 7 28.28 -26.62 0.02
C GLU A 7 28.16 -25.20 -0.53
N GLU A 8 27.94 -25.06 -1.84
CA GLU A 8 27.69 -23.77 -2.48
C GLU A 8 26.32 -23.18 -2.14
N SER A 9 25.33 -24.05 -1.90
CA SER A 9 23.97 -23.62 -1.53
C SER A 9 23.86 -23.03 -0.11
N GLN A 10 24.85 -23.30 0.74
CA GLN A 10 24.96 -22.68 2.07
C GLN A 10 25.20 -21.16 1.98
N ALA A 11 26.07 -20.76 1.05
CA ALA A 11 26.33 -19.35 0.77
C ALA A 11 25.13 -18.66 0.12
N PHE A 12 24.45 -19.36 -0.80
CA PHE A 12 23.27 -18.82 -1.49
C PHE A 12 22.09 -18.61 -0.55
N GLN A 13 21.82 -19.60 0.30
CA GLN A 13 20.79 -19.49 1.35
C GLN A 13 21.12 -18.35 2.30
N ARG A 14 22.40 -18.22 2.65
CA ARG A 14 22.88 -17.13 3.50
C ARG A 14 22.79 -15.76 2.80
N GLN A 15 22.95 -15.76 1.48
CA GLN A 15 22.73 -14.55 0.66
C GLN A 15 21.25 -14.15 0.69
N LEU A 16 20.36 -15.13 0.54
CA LEU A 16 18.92 -14.90 0.61
C LEU A 16 18.47 -14.38 1.97
N THR A 17 19.07 -14.89 3.05
CA THR A 17 18.78 -14.39 4.41
C THR A 17 19.18 -12.91 4.57
N ALA A 18 20.27 -12.51 3.93
CA ALA A 18 20.73 -11.11 3.95
C ALA A 18 19.75 -10.16 3.27
N LEU A 19 19.22 -10.58 2.12
CA LEU A 19 18.24 -9.79 1.37
C LEU A 19 16.89 -9.69 2.09
N ILE A 20 16.46 -10.80 2.71
CA ILE A 20 15.21 -10.84 3.46
C ILE A 20 15.31 -10.12 4.81
N GLY A 21 16.46 -10.28 5.48
CA GLY A 21 16.62 -9.77 6.84
C GLY A 21 15.82 -10.58 7.84
N TYR A 22 15.67 -11.87 7.55
CA TYR A 22 15.07 -12.85 8.46
C TYR A 22 15.39 -14.26 7.93
N ASP A 23 15.72 -15.18 8.84
CA ASP A 23 16.08 -16.56 8.49
C ASP A 23 14.85 -17.49 8.41
N VAL A 24 14.42 -17.79 7.18
CA VAL A 24 13.32 -18.76 6.91
C VAL A 24 13.64 -20.22 7.27
N THR A 25 14.92 -20.55 7.46
CA THR A 25 15.35 -21.87 7.93
C THR A 25 15.27 -22.01 9.47
N ASP A 26 15.10 -20.89 10.17
CA ASP A 26 14.95 -20.85 11.64
C ASP A 26 13.63 -21.50 12.09
N VAL A 27 13.70 -22.35 13.12
CA VAL A 27 12.54 -23.12 13.62
C VAL A 27 12.26 -22.94 15.13
N SER A 28 12.87 -21.94 15.77
CA SER A 28 12.69 -21.70 17.21
C SER A 28 11.29 -21.20 17.60
N ASN A 29 10.64 -20.44 16.72
CA ASN A 29 9.32 -19.87 17.00
C ASN A 29 8.23 -20.51 16.13
N VAL A 30 7.97 -21.80 16.37
CA VAL A 30 6.88 -22.54 15.72
C VAL A 30 6.38 -23.72 16.59
N HIS A 31 5.18 -24.21 16.27
CA HIS A 31 4.63 -25.46 16.84
C HIS A 31 4.11 -26.43 15.79
N ASP A 32 4.44 -26.18 14.53
CA ASP A 32 4.10 -27.06 13.41
C ASP A 32 5.05 -26.75 12.24
N ASP A 33 4.72 -27.22 11.02
CA ASP A 33 5.60 -27.04 9.86
C ASP A 33 4.93 -26.31 8.69
N GLU A 34 3.94 -25.45 8.98
CA GLU A 34 3.21 -24.73 7.93
C GLU A 34 4.15 -23.86 7.10
N LEU A 35 5.08 -23.18 7.76
CA LEU A 35 6.06 -22.33 7.08
C LEU A 35 6.99 -23.14 6.17
N GLU A 36 7.49 -24.27 6.67
CA GLU A 36 8.36 -25.14 5.87
C GLU A 36 7.59 -25.85 4.75
N PHE A 37 6.34 -26.19 5.03
CA PHE A 37 5.44 -26.76 4.03
C PHE A 37 5.16 -25.76 2.91
N THR A 38 5.06 -24.48 3.27
CA THR A 38 4.83 -23.41 2.31
C THR A 38 6.07 -23.13 1.45
N ARG A 39 7.24 -23.15 2.07
CA ARG A 39 8.50 -23.04 1.34
C ARG A 39 8.57 -24.07 0.22
N ARG A 40 8.23 -25.32 0.55
CA ARG A 40 8.13 -26.41 -0.44
C ARG A 40 6.93 -26.23 -1.38
N GLY A 41 5.79 -25.78 -0.83
CA GLY A 41 4.56 -25.58 -1.58
C GLY A 41 4.67 -24.55 -2.71
N LEU A 42 5.39 -23.47 -2.47
CA LEU A 42 5.53 -22.39 -3.46
C LEU A 42 6.57 -22.66 -4.55
N VAL A 43 7.32 -23.77 -4.46
CA VAL A 43 8.27 -24.14 -5.52
C VAL A 43 7.60 -24.20 -6.89
N THR A 44 6.47 -24.90 -6.98
CA THR A 44 5.78 -25.11 -8.26
C THR A 44 5.31 -23.82 -8.95
N PRO A 45 4.60 -22.94 -8.22
CA PRO A 45 4.21 -21.67 -8.87
C PRO A 45 5.40 -20.86 -9.36
N ARG A 46 6.46 -20.78 -8.55
CA ARG A 46 7.70 -20.13 -8.98
C ARG A 46 8.18 -20.76 -10.28
N MET A 47 8.45 -22.06 -10.24
CA MET A 47 9.04 -22.75 -11.39
C MET A 47 8.14 -22.76 -12.63
N ALA A 48 6.83 -22.70 -12.42
CA ALA A 48 5.87 -22.59 -13.52
C ALA A 48 6.03 -21.24 -14.22
N GLU A 49 5.95 -20.17 -13.45
CA GLU A 49 6.04 -18.80 -13.99
C GLU A 49 7.40 -18.48 -14.60
N VAL A 50 8.46 -18.97 -13.96
CA VAL A 50 9.82 -18.83 -14.49
C VAL A 50 9.94 -19.54 -15.84
N ALA A 51 9.35 -20.74 -15.93
CA ALA A 51 9.39 -21.53 -17.15
C ALA A 51 8.61 -20.93 -18.32
N SER A 52 7.58 -20.13 -18.02
CA SER A 52 6.69 -19.55 -19.04
C SER A 52 6.98 -18.10 -19.46
N ARG A 53 7.95 -17.43 -18.82
CA ARG A 53 8.20 -16.00 -19.06
C ARG A 53 9.13 -15.76 -20.25
N ASP A 54 8.82 -14.72 -21.03
CA ASP A 54 9.61 -14.33 -22.21
C ASP A 54 10.89 -13.65 -21.76
N PRO A 55 12.08 -14.16 -22.16
CA PRO A 55 13.35 -13.56 -21.70
C PRO A 55 13.61 -12.08 -22.07
N LYS A 56 13.52 -11.74 -23.37
CA LYS A 56 13.79 -10.37 -23.84
C LYS A 56 12.80 -9.33 -23.31
N LEU A 57 11.52 -9.68 -23.24
CA LEU A 57 10.50 -8.80 -22.65
C LEU A 57 10.70 -8.65 -21.15
N TYR A 58 10.97 -9.75 -20.45
CA TYR A 58 11.34 -9.69 -19.02
C TYR A 58 12.58 -8.81 -18.77
N ALA A 59 13.56 -8.88 -19.68
CA ALA A 59 14.78 -8.09 -19.58
C ALA A 59 14.54 -6.59 -19.76
N MET A 60 13.58 -6.23 -20.61
CA MET A 60 13.33 -4.82 -20.98
C MET A 60 12.03 -4.23 -20.39
N HIS A 61 11.13 -5.11 -19.93
CA HIS A 61 10.00 -4.77 -19.04
C HIS A 61 9.24 -3.50 -19.38
N PRO A 62 8.75 -3.38 -20.63
CA PRO A 62 8.17 -2.13 -21.14
C PRO A 62 6.86 -1.74 -20.45
N TRP A 63 6.77 -0.48 -20.03
CA TRP A 63 5.69 -0.01 -19.14
C TRP A 63 4.55 0.56 -19.96
N VAL A 64 3.69 -0.33 -20.45
CA VAL A 64 2.64 -0.02 -21.43
C VAL A 64 1.23 -0.30 -20.88
N THR A 65 0.20 0.12 -21.63
CA THR A 65 -1.20 0.00 -21.20
C THR A 65 -2.20 -0.29 -22.34
N SER A 66 -3.38 -0.78 -21.95
CA SER A 66 -4.53 -0.92 -22.84
C SER A 66 -5.63 0.11 -22.56
N LYS A 67 -5.47 0.89 -21.49
CA LYS A 67 -6.41 1.97 -21.15
C LYS A 67 -6.25 3.14 -22.13
N PRO A 68 -7.34 3.90 -22.38
CA PRO A 68 -7.28 4.97 -23.39
C PRO A 68 -6.56 6.23 -22.89
N LEU A 69 -6.11 7.06 -23.82
CA LEU A 69 -5.54 8.38 -23.49
C LEU A 69 -6.67 9.29 -22.99
N PRO A 70 -6.43 10.05 -21.90
CA PRO A 70 -7.51 10.90 -21.36
C PRO A 70 -7.82 12.08 -22.27
N GLU A 71 -9.04 12.59 -22.19
CA GLU A 71 -9.50 13.72 -23.00
C GLU A 71 -8.65 14.98 -22.83
N TYR A 72 -8.05 15.14 -21.65
CA TYR A 72 -7.09 16.22 -21.38
C TYR A 72 -5.79 16.08 -22.19
N LEU A 73 -5.24 14.87 -22.23
CA LEU A 73 -3.95 14.60 -22.92
C LEU A 73 -3.97 14.69 -24.45
N TRP A 74 -5.16 14.60 -25.06
CA TRP A 74 -5.31 14.73 -26.51
C TRP A 74 -4.97 16.09 -27.06
N LYS A 75 -5.22 17.14 -26.26
CA LYS A 75 -4.97 18.53 -26.68
C LYS A 75 -3.47 18.86 -26.90
N LYS A 76 -2.58 18.13 -26.22
CA LYS A 76 -1.12 18.32 -26.36
C LYS A 76 -0.51 17.69 -27.63
N ILE A 77 -1.28 16.90 -28.38
CA ILE A 77 -0.87 16.40 -29.69
C ILE A 77 -1.04 17.51 -30.73
N ALA A 78 0.01 17.80 -31.50
CA ALA A 78 0.04 18.97 -32.39
C ALA A 78 -0.85 18.80 -33.64
N ASN A 79 -0.39 17.99 -34.59
CA ASN A 79 -1.13 17.73 -35.85
C ASN A 79 -1.15 16.24 -36.15
N ASN A 80 -1.62 15.46 -35.18
CA ASN A 80 -1.55 13.99 -35.17
C ASN A 80 -0.09 13.51 -35.27
N CYS A 81 0.78 14.20 -34.56
CA CYS A 81 2.23 14.08 -34.71
C CYS A 81 2.87 13.89 -33.33
N ILE A 82 3.97 13.13 -33.31
CA ILE A 82 4.74 12.83 -32.09
C ILE A 82 6.23 12.96 -32.35
N PHE A 83 6.85 14.02 -31.81
CA PHE A 83 8.28 14.27 -31.97
C PHE A 83 9.12 13.43 -31.01
N ILE A 84 9.78 12.40 -31.54
CA ILE A 84 10.79 11.63 -30.79
C ILE A 84 12.17 12.15 -31.15
N VAL A 85 13.03 12.35 -30.14
CA VAL A 85 14.41 12.81 -30.32
C VAL A 85 15.38 11.66 -30.09
N ILE A 86 15.79 10.98 -31.18
CA ILE A 86 16.69 9.82 -31.08
C ILE A 86 18.14 10.25 -30.99
N HIS A 87 18.84 9.78 -29.95
CA HIS A 87 20.26 10.08 -29.72
C HIS A 87 21.14 8.89 -30.01
N ARG A 88 22.41 9.15 -30.32
CA ARG A 88 23.40 8.11 -30.59
C ARG A 88 24.81 8.70 -30.59
N SER A 89 25.57 8.46 -29.51
CA SER A 89 26.96 8.90 -29.36
C SER A 89 27.11 10.43 -29.44
N THR A 90 26.35 11.13 -28.60
CA THR A 90 26.36 12.61 -28.48
C THR A 90 25.99 13.36 -29.78
N THR A 91 25.12 12.75 -30.59
CA THR A 91 24.62 13.35 -31.85
C THR A 91 23.16 12.95 -32.08
N SER A 92 22.26 13.92 -31.97
CA SER A 92 20.81 13.67 -31.96
C SER A 92 20.14 13.84 -33.32
N GLN A 93 18.87 13.44 -33.38
CA GLN A 93 18.01 13.63 -34.55
C GLN A 93 16.53 13.48 -34.16
N THR A 94 15.67 14.26 -34.81
CA THR A 94 14.22 14.24 -34.54
C THR A 94 13.48 13.45 -35.62
N ILE A 95 12.37 12.82 -35.25
CA ILE A 95 11.55 12.04 -36.18
C ILE A 95 10.06 12.32 -35.99
N LYS A 96 9.34 12.48 -37.10
CA LYS A 96 7.88 12.62 -37.10
C LYS A 96 7.25 11.24 -36.95
N VAL A 97 6.46 11.05 -35.89
CA VAL A 97 5.83 9.77 -35.58
C VAL A 97 4.33 9.95 -35.32
N SER A 98 3.54 8.96 -35.74
CA SER A 98 2.08 8.96 -35.46
C SER A 98 1.82 8.29 -34.11
N PRO A 99 0.62 8.52 -33.51
CA PRO A 99 0.33 7.97 -32.18
C PRO A 99 0.18 6.44 -32.13
N ASP A 100 -0.35 5.84 -33.21
CA ASP A 100 -0.53 4.39 -33.31
C ASP A 100 0.72 3.62 -33.81
N ASP A 101 1.85 4.31 -33.96
CA ASP A 101 3.11 3.66 -34.39
C ASP A 101 3.74 2.84 -33.26
N THR A 102 4.57 1.87 -33.64
CA THR A 102 5.31 1.00 -32.72
C THR A 102 6.83 1.19 -32.95
N PRO A 103 7.68 0.76 -31.99
CA PRO A 103 9.15 0.89 -32.12
C PRO A 103 9.76 0.34 -33.42
N GLY A 104 9.25 -0.79 -33.90
CA GLY A 104 9.76 -1.45 -35.12
C GLY A 104 9.60 -0.59 -36.36
N ALA A 105 8.43 0.04 -36.50
CA ALA A 105 8.18 1.01 -37.56
C ALA A 105 9.04 2.26 -37.39
N ILE A 106 9.21 2.71 -36.14
CA ILE A 106 10.00 3.91 -35.83
C ILE A 106 11.50 3.69 -36.07
N LEU A 107 12.01 2.49 -35.77
CA LEU A 107 13.42 2.16 -36.02
C LEU A 107 13.76 2.07 -37.53
N GLN A 108 12.87 1.46 -38.31
CA GLN A 108 13.02 1.39 -39.77
C GLN A 108 13.06 2.76 -40.45
N SER A 109 12.33 3.73 -39.87
CA SER A 109 12.35 5.13 -40.34
C SER A 109 13.71 5.80 -40.14
N PHE A 110 14.38 5.51 -39.01
CA PHE A 110 15.70 6.07 -38.71
C PHE A 110 16.80 5.54 -39.64
N PHE A 111 16.79 4.24 -39.89
CA PHE A 111 17.74 3.60 -40.80
C PHE A 111 17.60 4.09 -42.25
N THR A 112 16.38 4.46 -42.65
CA THR A 112 16.13 5.07 -43.96
C THR A 112 16.75 6.46 -44.06
N LYS A 113 16.51 7.30 -43.05
CA LYS A 113 17.00 8.68 -43.01
C LYS A 113 18.49 8.84 -42.62
N MET A 114 19.17 7.73 -42.33
CA MET A 114 20.58 7.72 -41.87
C MET A 114 20.78 8.53 -40.58
N GLU A 129 20.34 -4.20 -38.65
CA GLU A 129 19.06 -3.51 -38.65
C GLU A 129 18.24 -3.78 -37.39
N GLN A 130 17.95 -5.07 -37.13
CA GLN A 130 17.10 -5.51 -36.01
C GLN A 130 17.90 -5.95 -34.77
N ASP A 131 19.08 -5.37 -34.56
CA ASP A 131 19.95 -5.69 -33.41
C ASP A 131 19.73 -4.74 -32.24
N PHE A 132 19.55 -3.45 -32.53
CA PHE A 132 19.44 -2.39 -31.51
C PHE A 132 18.08 -2.36 -30.81
N VAL A 133 17.96 -1.46 -29.82
CA VAL A 133 16.68 -1.17 -29.14
C VAL A 133 16.65 0.31 -28.68
N LEU A 134 15.46 0.91 -28.67
CA LEU A 134 15.30 2.34 -28.34
C LEU A 134 15.07 2.56 -26.84
N ARG A 135 16.14 2.87 -26.09
CA ARG A 135 16.11 3.07 -24.62
C ARG A 135 15.93 4.55 -24.25
N VAL A 136 15.15 4.81 -23.19
CA VAL A 136 14.86 6.20 -22.76
C VAL A 136 16.09 6.85 -22.10
N CYS A 137 16.28 8.14 -22.37
CA CYS A 137 17.44 8.88 -21.85
C CYS A 137 17.30 9.18 -20.36
N GLY A 138 18.32 8.80 -19.59
CA GLY A 138 18.34 8.95 -18.14
C GLY A 138 18.03 7.66 -17.38
N ARG A 139 17.03 6.93 -17.86
CA ARG A 139 16.46 5.78 -17.15
C ARG A 139 16.81 4.44 -17.79
N ASP A 140 16.63 3.37 -17.01
CA ASP A 140 16.63 2.00 -17.54
C ASP A 140 15.21 1.62 -17.91
N GLU A 141 14.75 2.20 -19.02
CA GLU A 141 13.38 2.02 -19.52
C GLU A 141 13.41 1.93 -21.05
N TYR A 142 12.68 0.94 -21.58
CA TYR A 142 12.82 0.56 -22.98
C TYR A 142 11.50 0.70 -23.73
N LEU A 143 11.48 1.59 -24.73
CA LEU A 143 10.36 1.68 -25.66
C LEU A 143 10.52 0.56 -26.69
N VAL A 144 10.11 -0.65 -26.28
CA VAL A 144 10.23 -1.89 -27.07
C VAL A 144 8.96 -2.74 -26.94
N GLY A 145 8.70 -3.57 -27.95
CA GLY A 145 7.53 -4.44 -28.00
C GLY A 145 6.62 -4.07 -29.15
N GLU A 146 5.42 -4.66 -29.13
CA GLU A 146 4.39 -4.41 -30.15
C GLU A 146 3.20 -3.71 -29.50
N THR A 147 3.49 -2.57 -28.86
CA THR A 147 2.48 -1.71 -28.24
C THR A 147 2.46 -0.38 -29.00
N PRO A 148 1.28 0.25 -29.12
CA PRO A 148 1.25 1.56 -29.80
C PRO A 148 1.95 2.63 -28.97
N ILE A 149 2.66 3.53 -29.63
CA ILE A 149 3.48 4.54 -28.95
C ILE A 149 2.64 5.50 -28.06
N LYS A 150 1.36 5.68 -28.40
CA LYS A 150 0.42 6.43 -27.56
C LYS A 150 0.21 5.79 -26.17
N ASN A 151 0.14 4.46 -26.15
CA ASN A 151 -0.01 3.70 -24.88
C ASN A 151 1.32 3.11 -24.35
N PHE A 152 2.31 3.98 -24.19
CA PHE A 152 3.46 3.75 -23.31
C PHE A 152 3.34 4.78 -22.17
N GLN A 153 3.65 4.37 -20.95
CA GLN A 153 3.60 5.28 -19.79
C GLN A 153 4.57 6.47 -19.95
N TRP A 154 5.76 6.19 -20.46
CA TRP A 154 6.79 7.24 -20.64
C TRP A 154 6.39 8.27 -21.66
N VAL A 155 5.73 7.85 -22.72
CA VAL A 155 5.20 8.79 -23.71
C VAL A 155 4.13 9.72 -23.10
N ARG A 156 3.37 9.22 -22.12
CA ARG A 156 2.38 10.03 -21.40
C ARG A 156 2.99 10.97 -20.35
N HIS A 157 4.06 10.52 -19.69
CA HIS A 157 4.82 11.38 -18.74
C HIS A 157 5.35 12.60 -19.44
N CYS A 158 5.86 12.41 -20.66
CA CYS A 158 6.37 13.50 -21.49
C CYS A 158 5.28 14.42 -22.08
N LEU A 159 4.08 13.88 -22.29
CA LEU A 159 2.92 14.68 -22.70
C LEU A 159 2.29 15.44 -21.53
N LYS A 160 2.24 14.82 -20.35
CA LYS A 160 1.63 15.41 -19.15
C LYS A 160 2.48 16.53 -18.57
N ASN A 161 3.77 16.26 -18.39
CA ASN A 161 4.72 17.27 -17.92
C ASN A 161 5.05 18.36 -18.96
N GLY A 162 4.84 18.04 -20.24
CA GLY A 162 5.16 18.94 -21.35
C GLY A 162 6.63 18.90 -21.71
N GLU A 163 7.17 17.68 -21.83
CA GLU A 163 8.58 17.42 -22.10
C GLU A 163 8.79 16.77 -23.47
N GLU A 164 10.03 16.79 -23.95
CA GLU A 164 10.43 16.16 -25.21
C GLU A 164 10.76 14.68 -24.97
N ILE A 165 10.26 13.79 -25.83
CA ILE A 165 10.47 12.34 -25.69
C ILE A 165 11.87 11.91 -26.18
N HIS A 166 12.85 11.91 -25.26
CA HIS A 166 14.25 11.62 -25.59
C HIS A 166 14.60 10.18 -25.36
N VAL A 167 15.36 9.60 -26.29
CA VAL A 167 15.70 8.18 -26.27
C VAL A 167 17.08 7.92 -26.90
N VAL A 168 17.87 7.06 -26.27
CA VAL A 168 19.24 6.74 -26.67
C VAL A 168 19.34 5.33 -27.28
N LEU A 169 19.80 5.24 -28.52
CA LEU A 169 19.92 3.96 -29.23
C LEU A 169 21.12 3.15 -28.74
N ASP A 170 20.88 1.92 -28.27
CA ASP A 170 21.95 0.99 -27.86
C ASP A 170 21.50 -0.48 -27.89
N THR A 171 22.42 -1.38 -27.55
CA THR A 171 22.15 -2.81 -27.53
C THR A 171 21.17 -3.20 -26.39
N PRO A 172 20.33 -4.23 -26.61
CA PRO A 172 19.47 -4.71 -25.51
C PRO A 172 20.23 -5.37 -24.35
N PRO A 173 19.58 -5.50 -23.18
CA PRO A 173 20.19 -6.21 -22.06
C PRO A 173 20.13 -7.72 -22.28
N ASP A 174 21.25 -8.39 -22.02
CA ASP A 174 21.38 -9.83 -22.31
C ASP A 174 20.56 -10.63 -21.29
N PRO A 175 19.65 -11.51 -21.78
CA PRO A 175 18.87 -12.39 -20.90
C PRO A 175 19.68 -13.31 -19.96
N ALA A 176 20.84 -13.76 -20.41
CA ALA A 176 21.72 -14.60 -19.57
C ALA A 176 21.98 -13.99 -18.18
N LEU A 177 22.08 -12.67 -18.11
CA LEU A 177 22.22 -11.94 -16.83
C LEU A 177 21.09 -12.28 -15.84
N ASP A 178 19.88 -12.50 -16.37
CA ASP A 178 18.69 -12.87 -15.57
C ASP A 178 18.49 -14.39 -15.40
N GLU A 179 19.59 -15.14 -15.32
CA GLU A 179 19.53 -16.60 -15.13
C GLU A 179 19.05 -16.90 -13.71
N VAL A 180 18.25 -17.96 -13.60
CA VAL A 180 17.79 -18.48 -12.31
C VAL A 180 18.64 -19.69 -11.94
N ARG A 181 19.00 -19.77 -10.64
CA ARG A 181 19.84 -20.87 -10.14
C ARG A 181 19.07 -22.19 -10.11
N LYS A 182 19.81 -23.29 -10.21
CA LYS A 182 19.23 -24.64 -10.16
C LYS A 182 18.81 -24.97 -8.73
N GLU A 183 17.61 -25.54 -8.57
CA GLU A 183 17.06 -25.86 -7.25
C GLU A 183 17.10 -27.35 -6.95
N GLU A 184 17.04 -27.68 -5.66
CA GLU A 184 16.99 -29.07 -5.18
C GLU A 184 16.13 -29.16 -3.93
N TRP A 185 15.16 -30.08 -3.94
CA TRP A 185 14.26 -30.32 -2.80
C TRP A 185 14.10 -31.79 -2.52
N THR A 213 -12.51 -32.75 0.37
CA THR A 213 -11.77 -32.55 1.63
C THR A 213 -12.69 -32.57 2.86
N VAL A 214 -12.13 -32.98 4.00
CA VAL A 214 -12.89 -33.05 5.27
C VAL A 214 -11.94 -33.12 6.50
N SER A 215 -12.53 -33.18 7.70
CA SER A 215 -11.77 -33.43 8.94
C SER A 215 -11.25 -34.87 8.99
N LEU A 216 -9.98 -35.02 9.32
CA LEU A 216 -9.43 -36.29 9.80
C LEU A 216 -9.61 -36.31 11.32
N TRP A 217 -10.00 -37.46 11.87
CA TRP A 217 -10.57 -37.59 13.23
C TRP A 217 -11.81 -36.75 13.37
N ASP A 218 -12.89 -37.21 12.73
CA ASP A 218 -14.18 -36.51 12.66
C ASP A 218 -15.22 -37.15 13.58
N CYS A 219 -15.97 -36.31 14.31
CA CYS A 219 -16.93 -36.77 15.32
C CYS A 219 -18.11 -35.81 15.50
N ASP A 220 -19.22 -36.33 16.04
CA ASP A 220 -20.32 -35.52 16.59
C ASP A 220 -20.08 -35.05 18.03
N ARG A 221 -18.84 -35.15 18.51
CA ARG A 221 -18.44 -34.63 19.82
C ARG A 221 -18.40 -33.12 19.76
N LYS A 222 -18.79 -32.48 20.85
CA LYS A 222 -18.58 -31.04 21.01
C LYS A 222 -17.09 -30.78 21.16
N PHE A 223 -16.58 -29.75 20.48
CA PHE A 223 -15.18 -29.36 20.61
C PHE A 223 -14.89 -28.87 22.03
N ARG A 224 -13.72 -29.23 22.56
CA ARG A 224 -13.24 -28.71 23.84
C ARG A 224 -11.73 -28.51 23.89
N VAL A 225 -11.30 -27.58 24.72
CA VAL A 225 -9.89 -27.33 24.99
C VAL A 225 -9.72 -27.22 26.49
N LYS A 226 -8.75 -27.96 27.02
CA LYS A 226 -8.33 -27.81 28.40
C LYS A 226 -7.45 -26.58 28.48
N ILE A 227 -7.80 -25.63 29.34
CA ILE A 227 -6.90 -24.55 29.72
C ILE A 227 -6.17 -25.02 30.99
N ARG A 228 -4.88 -25.31 30.83
CA ARG A 228 -4.05 -25.76 31.94
C ARG A 228 -3.71 -24.61 32.87
N GLY A 229 -3.14 -23.56 32.31
CA GLY A 229 -2.82 -22.36 33.07
C GLY A 229 -2.09 -21.33 32.25
N ILE A 230 -1.65 -20.26 32.92
CA ILE A 230 -0.82 -19.24 32.29
C ILE A 230 0.46 -19.00 33.09
N ASP A 231 1.43 -18.31 32.48
CA ASP A 231 2.76 -18.13 33.07
C ASP A 231 3.48 -16.91 32.50
N ILE A 232 3.83 -15.96 33.39
CA ILE A 232 4.67 -14.82 33.03
C ILE A 232 5.75 -14.62 34.11
N PRO A 233 6.98 -14.22 33.73
CA PRO A 233 8.00 -13.96 34.78
C PRO A 233 7.77 -12.71 35.65
N VAL A 234 7.22 -11.64 35.08
CA VAL A 234 6.90 -10.41 35.83
C VAL A 234 5.53 -9.84 35.44
N LEU A 235 4.73 -9.47 36.46
CA LEU A 235 3.41 -8.87 36.24
C LEU A 235 3.53 -7.39 35.86
N PRO A 236 2.75 -6.92 34.86
CA PRO A 236 2.78 -5.51 34.46
C PRO A 236 1.87 -4.63 35.34
N ASP A 240 -5.94 -4.22 38.93
CA ASP A 240 -5.40 -5.28 38.10
C ASP A 240 -4.96 -6.50 38.94
N LEU A 241 -5.90 -7.01 39.74
CA LEU A 241 -5.66 -8.15 40.62
C LEU A 241 -6.36 -9.45 40.19
N THR A 242 -7.39 -9.35 39.33
CA THR A 242 -8.18 -10.51 38.88
C THR A 242 -8.01 -10.71 37.38
N VAL A 243 -7.91 -11.97 36.95
CA VAL A 243 -7.80 -12.32 35.52
C VAL A 243 -8.53 -13.62 35.14
N PHE A 244 -8.80 -13.80 33.85
CA PHE A 244 -9.43 -15.02 33.33
C PHE A 244 -9.20 -15.20 31.82
N VAL A 245 -9.21 -16.45 31.37
CA VAL A 245 -9.03 -16.78 29.97
C VAL A 245 -10.39 -16.81 29.28
N GLU A 246 -10.50 -16.10 28.15
CA GLU A 246 -11.65 -16.20 27.26
C GLU A 246 -11.22 -16.90 25.98
N ALA A 247 -11.73 -18.11 25.78
CA ALA A 247 -11.45 -18.91 24.57
C ALA A 247 -12.56 -18.67 23.54
N ASN A 248 -12.18 -18.48 22.28
CA ASN A 248 -13.11 -18.16 21.17
C ASN A 248 -12.88 -18.99 19.92
N ILE A 249 -13.90 -19.67 19.42
CA ILE A 249 -13.85 -20.30 18.09
C ILE A 249 -14.25 -19.23 17.05
N GLN A 250 -13.29 -18.80 16.24
CA GLN A 250 -13.48 -17.72 15.25
C GLN A 250 -13.36 -18.20 13.80
N HIS A 251 -14.17 -17.61 12.92
CA HIS A 251 -14.04 -17.79 11.47
C HIS A 251 -14.26 -16.45 10.80
N GLY A 252 -13.17 -15.85 10.31
CA GLY A 252 -13.25 -14.56 9.62
C GLY A 252 -13.73 -13.43 10.49
N GLN A 253 -13.16 -13.34 11.69
CA GLN A 253 -13.46 -12.28 12.66
C GLN A 253 -14.94 -12.26 13.06
N GLN A 254 -15.54 -13.45 13.18
CA GLN A 254 -16.89 -13.63 13.70
C GLN A 254 -16.83 -14.71 14.78
N VAL A 255 -17.32 -14.40 15.98
CA VAL A 255 -17.25 -15.35 17.10
C VAL A 255 -18.35 -16.41 16.95
N LEU A 256 -17.97 -17.58 16.44
CA LEU A 256 -18.90 -18.70 16.31
C LEU A 256 -19.35 -19.20 17.67
N CYS A 257 -18.40 -19.36 18.58
CA CYS A 257 -18.71 -19.79 19.95
C CYS A 257 -17.68 -19.28 20.96
N GLN A 258 -18.15 -18.96 22.16
CA GLN A 258 -17.33 -18.38 23.22
C GLN A 258 -17.55 -19.07 24.58
N ARG A 259 -16.44 -19.36 25.28
CA ARG A 259 -16.47 -19.84 26.66
C ARG A 259 -15.35 -19.17 27.47
N ARG A 260 -15.56 -19.07 28.78
CA ARG A 260 -14.60 -18.46 29.71
C ARG A 260 -14.24 -19.43 30.82
N THR A 261 -13.08 -19.19 31.44
CA THR A 261 -12.74 -19.80 32.73
C THR A 261 -13.31 -18.92 33.84
N SER A 262 -13.27 -19.45 35.05
CA SER A 262 -13.64 -18.68 36.24
C SER A 262 -12.54 -17.68 36.55
N PRO A 263 -12.88 -16.54 37.20
CA PRO A 263 -11.82 -15.59 37.56
C PRO A 263 -10.92 -16.13 38.67
N LYS A 264 -9.65 -15.74 38.66
CA LYS A 264 -8.68 -16.08 39.71
C LYS A 264 -7.70 -14.93 39.96
N PRO A 265 -6.97 -14.95 41.10
CA PRO A 265 -6.00 -13.87 41.36
C PRO A 265 -4.84 -13.86 40.36
N PHE A 266 -4.48 -12.66 39.88
CA PHE A 266 -3.45 -12.52 38.85
C PHE A 266 -2.05 -12.64 39.48
N THR A 267 -1.66 -13.89 39.73
CA THR A 267 -0.33 -14.24 40.19
C THR A 267 0.53 -14.61 38.97
N GLU A 268 1.83 -14.82 39.19
CA GLU A 268 2.75 -15.11 38.07
C GLU A 268 2.51 -16.48 37.40
N GLU A 269 1.86 -17.42 38.12
CA GLU A 269 1.47 -18.72 37.57
C GLU A 269 0.03 -19.05 38.01
N VAL A 270 -0.93 -18.79 37.13
CA VAL A 270 -2.35 -19.09 37.41
C VAL A 270 -2.74 -20.38 36.69
N LEU A 271 -3.28 -21.34 37.43
CA LEU A 271 -3.63 -22.67 36.92
C LEU A 271 -5.11 -22.97 37.22
N TRP A 272 -5.91 -23.04 36.15
CA TRP A 272 -7.33 -23.40 36.22
C TRP A 272 -7.53 -24.89 36.10
N ASN A 273 -6.85 -25.47 35.12
CA ASN A 273 -6.95 -26.90 34.78
C ASN A 273 -8.38 -27.31 34.43
N VAL A 274 -9.06 -26.45 33.67
CA VAL A 274 -10.48 -26.60 33.34
C VAL A 274 -10.67 -27.03 31.89
N TRP A 275 -11.58 -27.99 31.68
CA TRP A 275 -12.13 -28.25 30.36
C TRP A 275 -13.18 -27.22 30.08
N LEU A 276 -13.01 -26.51 28.96
CA LEU A 276 -14.03 -25.64 28.41
C LEU A 276 -14.66 -26.40 27.26
N GLU A 277 -15.92 -26.82 27.43
CA GLU A 277 -16.68 -27.45 26.36
C GLU A 277 -17.45 -26.35 25.64
N PHE A 278 -17.26 -26.27 24.31
CA PHE A 278 -18.00 -25.38 23.44
C PHE A 278 -19.27 -26.05 22.92
N SER A 279 -20.16 -25.26 22.33
CA SER A 279 -21.41 -25.79 21.77
C SER A 279 -21.17 -26.42 20.40
N ILE A 280 -20.30 -25.81 19.60
CA ILE A 280 -20.04 -26.25 18.23
C ILE A 280 -19.43 -27.64 18.14
N LYS A 281 -20.02 -28.50 17.30
CA LYS A 281 -19.54 -29.86 17.07
C LYS A 281 -18.28 -29.88 16.20
N ILE A 282 -17.44 -30.88 16.40
CA ILE A 282 -16.17 -31.02 15.68
C ILE A 282 -16.37 -31.05 14.16
N LYS A 283 -17.34 -31.84 13.69
CA LYS A 283 -17.66 -31.89 12.26
C LYS A 283 -18.10 -30.52 11.70
N ASP A 284 -18.68 -29.70 12.57
CA ASP A 284 -19.10 -28.33 12.20
C ASP A 284 -17.97 -27.27 12.27
N LEU A 285 -16.73 -27.67 12.54
CA LEU A 285 -15.60 -26.75 12.44
C LEU A 285 -15.28 -26.46 10.95
N PRO A 286 -15.29 -25.17 10.55
CA PRO A 286 -14.89 -24.84 9.18
C PRO A 286 -13.37 -24.72 9.05
N LYS A 287 -12.84 -25.04 7.87
CA LYS A 287 -11.40 -24.86 7.62
C LYS A 287 -11.07 -23.38 7.74
N GLY A 288 -9.90 -23.09 8.29
CA GLY A 288 -9.54 -21.73 8.69
C GLY A 288 -10.15 -21.28 10.01
N ALA A 289 -10.71 -22.21 10.79
CA ALA A 289 -11.29 -21.88 12.09
C ALA A 289 -10.17 -21.58 13.08
N LEU A 290 -10.17 -20.34 13.56
CA LEU A 290 -9.14 -19.85 14.47
C LEU A 290 -9.64 -20.02 15.90
N LEU A 291 -8.94 -20.83 16.70
CA LEU A 291 -9.12 -20.83 18.16
C LEU A 291 -8.37 -19.65 18.74
N ASN A 292 -9.12 -18.66 19.24
CA ASN A 292 -8.56 -17.41 19.75
C ASN A 292 -8.63 -17.39 21.28
N LEU A 293 -7.48 -17.22 21.91
CA LEU A 293 -7.34 -17.25 23.35
C LEU A 293 -6.93 -15.86 23.82
N GLN A 294 -7.65 -15.32 24.79
CA GLN A 294 -7.42 -13.96 25.29
C GLN A 294 -7.50 -13.86 26.82
N ILE A 295 -6.65 -13.00 27.38
CA ILE A 295 -6.58 -12.75 28.83
C ILE A 295 -7.09 -11.35 29.14
N TYR A 296 -8.08 -11.29 30.02
CA TYR A 296 -8.72 -10.04 30.44
C TYR A 296 -8.49 -9.81 31.93
N CYS A 297 -8.69 -8.57 32.35
CA CYS A 297 -8.71 -8.21 33.77
C CYS A 297 -9.61 -7.00 34.00
N VAL A 320 -13.59 -4.50 32.66
CA VAL A 320 -12.49 -5.39 32.27
C VAL A 320 -11.54 -4.75 31.26
N GLN A 321 -10.41 -5.42 31.00
CA GLN A 321 -9.37 -4.91 30.12
C GLN A 321 -8.54 -6.04 29.50
N LEU A 322 -8.60 -6.18 28.18
CA LEU A 322 -7.87 -7.21 27.44
C LEU A 322 -6.38 -6.91 27.47
N LEU A 323 -5.61 -7.81 28.07
CA LEU A 323 -4.17 -7.59 28.29
C LEU A 323 -3.31 -8.35 27.28
N TYR A 324 -3.68 -9.60 26.99
CA TYR A 324 -2.90 -10.48 26.09
C TYR A 324 -3.80 -11.25 25.13
N TYR A 325 -3.22 -11.68 23.99
CA TYR A 325 -3.95 -12.50 23.02
C TYR A 325 -3.04 -13.45 22.23
N VAL A 326 -3.55 -14.63 21.88
CA VAL A 326 -2.90 -15.57 20.95
C VAL A 326 -3.93 -16.43 20.22
N ASN A 327 -3.55 -16.90 19.02
CA ASN A 327 -4.40 -17.68 18.15
C ASN A 327 -3.78 -19.03 17.81
N LEU A 328 -4.65 -19.99 17.46
CA LEU A 328 -4.22 -21.33 17.06
C LEU A 328 -5.22 -21.87 16.05
N LEU A 329 -4.75 -22.22 14.85
CA LEU A 329 -5.60 -22.79 13.81
C LEU A 329 -6.07 -24.19 14.22
N LEU A 330 -7.38 -24.38 14.32
CA LEU A 330 -8.00 -25.66 14.72
C LEU A 330 -7.85 -26.74 13.64
N ILE A 331 -7.94 -26.37 12.37
CA ILE A 331 -7.70 -27.30 11.27
C ILE A 331 -6.44 -26.84 10.55
N ASP A 332 -5.47 -27.73 10.41
CA ASP A 332 -4.15 -27.35 9.91
C ASP A 332 -4.09 -27.37 8.37
N HIS A 333 -2.96 -26.93 7.85
CA HIS A 333 -2.64 -26.98 6.41
C HIS A 333 -2.81 -28.31 5.72
N ARG A 334 -2.72 -29.42 6.46
CA ARG A 334 -3.03 -30.76 5.92
C ARG A 334 -4.46 -31.26 6.25
N PHE A 335 -5.39 -30.33 6.48
CA PHE A 335 -6.79 -30.65 6.83
C PHE A 335 -7.00 -31.52 8.10
N LEU A 336 -5.99 -31.64 8.96
CA LEU A 336 -6.08 -32.42 10.19
C LEU A 336 -6.54 -31.54 11.32
N LEU A 337 -7.35 -32.08 12.23
CA LEU A 337 -7.77 -31.36 13.43
C LEU A 337 -6.57 -31.24 14.37
N ARG A 338 -6.41 -30.06 14.96
CA ARG A 338 -5.30 -29.76 15.87
C ARG A 338 -5.44 -30.60 17.15
N ARG A 339 -4.37 -31.28 17.55
CA ARG A 339 -4.40 -32.09 18.79
C ARG A 339 -3.03 -32.17 19.47
N GLY A 340 -3.04 -32.14 20.80
CA GLY A 340 -1.84 -32.28 21.62
C GLY A 340 -1.65 -31.18 22.65
N GLU A 341 -0.45 -31.16 23.23
CA GLU A 341 -0.04 -30.15 24.21
C GLU A 341 0.61 -28.99 23.47
N TYR A 342 0.13 -27.78 23.74
CA TYR A 342 0.72 -26.54 23.20
C TYR A 342 1.06 -25.56 24.32
N VAL A 343 2.20 -24.89 24.19
CA VAL A 343 2.61 -23.81 25.10
C VAL A 343 2.79 -22.53 24.27
N LEU A 344 1.69 -21.83 24.05
CA LEU A 344 1.65 -20.67 23.15
C LEU A 344 2.10 -19.40 23.85
N HIS A 345 3.11 -18.72 23.32
CA HIS A 345 3.54 -17.41 23.85
C HIS A 345 2.74 -16.30 23.22
N MET A 346 2.14 -15.45 24.07
CA MET A 346 1.13 -14.49 23.66
C MET A 346 1.70 -13.11 23.38
N TRP A 347 0.89 -12.28 22.68
CA TRP A 347 1.20 -10.89 22.35
C TRP A 347 0.54 -9.99 23.34
N GLN A 348 1.24 -8.95 23.80
CA GLN A 348 0.61 -7.96 24.67
C GLN A 348 -0.20 -7.02 23.80
N ILE A 349 -1.26 -6.45 24.37
CA ILE A 349 -2.20 -5.60 23.64
C ILE A 349 -1.62 -4.19 23.45
N SER A 358 -12.34 -3.14 19.36
CA SER A 358 -11.18 -2.70 18.59
C SER A 358 -10.56 -3.88 17.82
N PHE A 359 -10.57 -3.80 16.50
CA PHE A 359 -10.03 -4.86 15.63
C PHE A 359 -8.97 -4.30 14.66
N ASN A 360 -7.81 -4.98 14.63
CA ASN A 360 -6.77 -4.73 13.62
C ASN A 360 -6.03 -6.04 13.29
N ALA A 361 -5.40 -6.05 12.11
CA ALA A 361 -4.88 -7.28 11.49
C ALA A 361 -3.93 -8.10 12.36
N ASP A 362 -3.10 -7.42 13.17
CA ASP A 362 -2.23 -8.07 14.14
C ASP A 362 -2.98 -9.05 15.08
N LYS A 363 -4.21 -8.69 15.44
CA LYS A 363 -5.05 -9.48 16.33
C LYS A 363 -5.42 -10.88 15.77
N LEU A 364 -5.45 -11.01 14.44
CA LEU A 364 -5.81 -12.28 13.79
C LEU A 364 -4.67 -13.31 13.63
N THR A 365 -3.42 -12.92 13.82
CA THR A 365 -2.27 -13.71 13.34
C THR A 365 -2.17 -15.13 13.90
N SER A 366 -1.68 -16.05 13.07
CA SER A 366 -1.32 -17.40 13.54
C SER A 366 0.09 -17.43 14.16
N ALA A 367 0.76 -16.28 14.24
CA ALA A 367 2.13 -16.22 14.76
C ALA A 367 2.15 -16.10 16.29
N THR A 368 2.98 -16.92 16.91
CA THR A 368 3.28 -16.83 18.33
C THR A 368 4.39 -15.82 18.58
N ASN A 369 4.45 -15.30 19.81
CA ASN A 369 5.43 -14.30 20.21
C ASN A 369 6.84 -14.92 20.24
N PRO A 370 7.82 -14.32 19.53
CA PRO A 370 9.18 -14.86 19.58
C PRO A 370 9.93 -14.52 20.87
N ASP A 371 9.61 -13.38 21.49
CA ASP A 371 10.22 -12.97 22.76
C ASP A 371 9.80 -13.93 23.89
N LYS A 372 10.47 -15.08 23.95
CA LYS A 372 10.14 -16.14 24.92
C LYS A 372 10.53 -15.80 26.37
N GLU A 373 11.52 -14.92 26.55
CA GLU A 373 12.02 -14.55 27.88
C GLU A 373 11.01 -13.68 28.64
N ASN A 374 10.58 -12.58 28.03
CA ASN A 374 9.74 -11.57 28.71
C ASN A 374 8.22 -11.73 28.55
N SER A 375 7.75 -12.55 27.60
CA SER A 375 6.31 -12.62 27.27
C SER A 375 5.51 -13.60 28.13
N MET A 376 4.20 -13.34 28.21
CA MET A 376 3.22 -14.23 28.83
C MET A 376 3.01 -15.45 27.94
N SER A 377 2.69 -16.58 28.57
CA SER A 377 2.42 -17.82 27.86
C SER A 377 1.18 -18.51 28.41
N ILE A 378 0.30 -18.94 27.51
CA ILE A 378 -0.82 -19.83 27.85
C ILE A 378 -0.51 -21.28 27.46
N SER A 379 -0.93 -22.24 28.28
CA SER A 379 -0.74 -23.67 28.03
C SER A 379 -2.09 -24.36 27.95
N ILE A 380 -2.26 -25.19 26.91
CA ILE A 380 -3.53 -25.83 26.62
C ILE A 380 -3.34 -27.31 26.27
N LEU A 381 -4.45 -28.04 26.18
CA LEU A 381 -4.44 -29.42 25.69
C LEU A 381 -5.66 -29.66 24.80
N LEU A 382 -5.41 -30.19 23.60
CA LEU A 382 -6.45 -30.58 22.64
C LEU A 382 -6.41 -32.09 22.46
N ASP A 383 -7.50 -32.78 22.85
CA ASP A 383 -7.61 -34.24 22.70
C ASP A 383 -8.93 -34.58 22.01
N ASN A 384 -8.85 -35.10 20.78
CA ASN A 384 -10.02 -35.41 19.95
C ASN A 384 -9.87 -36.75 19.21
N ALA A 407 -38.61 -21.37 -7.68
CA ALA A 407 -39.74 -20.53 -8.08
C ALA A 407 -39.31 -19.07 -8.32
N GLU A 408 -40.27 -18.24 -8.73
CA GLU A 408 -40.02 -16.80 -8.94
C GLU A 408 -40.17 -16.03 -7.63
N MET A 409 -39.31 -15.05 -7.40
CA MET A 409 -39.42 -14.16 -6.22
C MET A 409 -40.71 -13.30 -6.28
N PRO A 410 -41.34 -13.05 -5.12
CA PRO A 410 -42.32 -11.98 -4.98
C PRO A 410 -41.73 -10.60 -5.26
N ASN A 411 -42.58 -9.62 -5.55
CA ASN A 411 -42.12 -8.29 -5.90
C ASN A 411 -41.44 -7.59 -4.74
N GLN A 412 -42.16 -7.42 -3.63
CA GLN A 412 -41.65 -6.65 -2.48
C GLN A 412 -40.29 -7.17 -1.95
N LEU A 413 -40.14 -8.48 -1.90
CA LEU A 413 -38.92 -9.11 -1.38
C LEU A 413 -37.73 -8.94 -2.33
N ARG A 414 -37.99 -9.06 -3.64
CA ARG A 414 -36.97 -8.73 -4.66
C ARG A 414 -36.47 -7.30 -4.48
N LYS A 415 -37.41 -6.36 -4.35
CA LYS A 415 -37.06 -4.95 -4.09
C LYS A 415 -36.34 -4.77 -2.74
N GLN A 416 -36.80 -5.49 -1.72
CA GLN A 416 -36.15 -5.49 -0.40
C GLN A 416 -34.72 -6.02 -0.47
N LEU A 417 -34.54 -7.09 -1.24
CA LEU A 417 -33.22 -7.71 -1.46
C LEU A 417 -32.30 -6.79 -2.29
N GLU A 418 -32.85 -6.18 -3.34
CA GLU A 418 -32.11 -5.20 -4.14
C GLU A 418 -31.64 -3.99 -3.31
N ALA A 419 -32.50 -3.51 -2.40
CA ALA A 419 -32.17 -2.42 -1.46
C ALA A 419 -30.94 -2.76 -0.60
N ILE A 420 -30.91 -3.98 -0.08
CA ILE A 420 -29.76 -4.51 0.68
C ILE A 420 -28.48 -4.50 -0.17
N ILE A 421 -28.61 -4.93 -1.42
CA ILE A 421 -27.46 -5.06 -2.33
C ILE A 421 -26.90 -3.70 -2.77
N ALA A 422 -27.75 -2.67 -2.79
CA ALA A 422 -27.33 -1.32 -3.18
C ALA A 422 -26.49 -0.58 -2.14
N THR A 423 -26.60 -0.97 -0.87
CA THR A 423 -25.98 -0.23 0.25
C THR A 423 -24.44 -0.36 0.29
N ASP A 424 -23.81 0.50 1.10
CA ASP A 424 -22.33 0.57 1.19
C ASP A 424 -21.74 -0.66 1.90
N PRO A 425 -20.42 -0.92 1.74
CA PRO A 425 -19.85 -2.11 2.38
C PRO A 425 -19.91 -2.13 3.91
N LEU A 426 -19.83 -0.95 4.53
CA LEU A 426 -19.93 -0.80 5.98
C LEU A 426 -21.36 -0.76 6.54
N ASN A 427 -22.36 -0.81 5.66
CA ASN A 427 -23.77 -0.85 6.07
C ASN A 427 -24.06 -2.18 6.76
N PRO A 428 -24.50 -2.14 8.05
CA PRO A 428 -24.72 -3.42 8.76
C PRO A 428 -25.86 -4.27 8.20
N LEU A 429 -25.62 -5.57 8.09
CA LEU A 429 -26.65 -6.54 7.74
C LEU A 429 -27.34 -7.00 9.03
N THR A 430 -28.63 -6.74 9.14
CA THR A 430 -29.44 -7.30 10.23
C THR A 430 -29.65 -8.79 10.00
N ALA A 431 -29.96 -9.52 11.08
CA ALA A 431 -30.27 -10.96 11.00
C ALA A 431 -31.47 -11.24 10.08
N GLU A 432 -32.35 -10.25 9.93
CA GLU A 432 -33.44 -10.29 8.95
C GLU A 432 -32.86 -10.24 7.53
N ASP A 433 -31.97 -9.28 7.28
CA ASP A 433 -31.32 -9.11 5.96
C ASP A 433 -30.58 -10.38 5.54
N LYS A 434 -29.75 -10.90 6.45
CA LYS A 434 -28.99 -12.16 6.26
C LYS A 434 -29.89 -13.35 5.90
N GLU A 435 -31.02 -13.47 6.59
CA GLU A 435 -31.96 -14.55 6.32
C GLU A 435 -32.59 -14.42 4.94
N LEU A 436 -32.86 -13.19 4.50
CA LEU A 436 -33.39 -12.94 3.15
C LEU A 436 -32.36 -13.30 2.07
N LEU A 437 -31.17 -12.70 2.17
CA LEU A 437 -30.03 -12.95 1.26
C LEU A 437 -29.73 -14.45 1.05
N TRP A 438 -29.77 -15.21 2.14
CA TRP A 438 -29.48 -16.64 2.09
C TRP A 438 -30.62 -17.42 1.51
N HIS A 439 -31.85 -17.15 1.95
CA HIS A 439 -33.03 -17.86 1.45
C HIS A 439 -33.16 -17.76 -0.05
N PHE A 440 -32.92 -16.55 -0.57
CA PHE A 440 -32.87 -16.28 -2.02
C PHE A 440 -31.42 -16.11 -2.50
N ARG A 441 -30.57 -17.06 -2.12
CA ARG A 441 -29.17 -17.05 -2.51
C ARG A 441 -28.94 -17.26 -4.00
N TYR A 442 -29.86 -17.95 -4.67
CA TYR A 442 -29.74 -18.15 -6.12
C TYR A 442 -30.08 -16.90 -6.92
N GLU A 443 -31.05 -16.12 -6.44
CA GLU A 443 -31.31 -14.79 -6.97
C GLU A 443 -30.13 -13.87 -6.68
N SER A 444 -29.66 -13.87 -5.43
CA SER A 444 -28.50 -13.07 -5.00
C SER A 444 -27.25 -13.34 -5.85
N LEU A 445 -27.08 -14.60 -6.28
CA LEU A 445 -25.95 -14.99 -7.13
C LEU A 445 -25.90 -14.29 -8.49
N LYS A 446 -27.07 -13.87 -8.99
CA LYS A 446 -27.18 -13.09 -10.23
C LYS A 446 -26.50 -11.71 -10.18
N HIS A 447 -26.35 -11.15 -8.98
CA HIS A 447 -25.78 -9.82 -8.77
C HIS A 447 -24.40 -9.87 -8.13
N PRO A 448 -23.33 -9.72 -8.94
CA PRO A 448 -21.99 -9.67 -8.37
C PRO A 448 -21.80 -8.76 -7.16
N LYS A 449 -22.47 -7.60 -7.14
CA LYS A 449 -22.36 -6.68 -6.01
C LYS A 449 -22.95 -7.21 -4.69
N ALA A 450 -23.80 -8.25 -4.79
CA ALA A 450 -24.36 -8.93 -3.61
C ALA A 450 -23.41 -9.91 -2.91
N TYR A 451 -22.29 -10.25 -3.54
CA TYR A 451 -21.43 -11.34 -3.07
C TYR A 451 -20.86 -11.18 -1.65
N PRO A 452 -20.27 -10.01 -1.33
CA PRO A 452 -19.76 -9.78 0.05
C PRO A 452 -20.83 -10.00 1.12
N LYS A 453 -21.98 -9.36 0.91
CA LYS A 453 -23.13 -9.50 1.80
C LYS A 453 -23.67 -10.94 1.81
N LEU A 454 -23.62 -11.61 0.66
CA LEU A 454 -24.13 -12.99 0.55
C LEU A 454 -23.31 -13.93 1.43
N PHE A 455 -21.99 -13.89 1.25
CA PHE A 455 -21.09 -14.78 1.98
C PHE A 455 -20.86 -14.33 3.43
N SER A 456 -21.21 -13.07 3.72
CA SER A 456 -21.41 -12.62 5.10
C SER A 456 -22.73 -13.11 5.72
N SER A 457 -23.67 -13.59 4.90
CA SER A 457 -24.91 -14.20 5.40
C SER A 457 -24.83 -15.71 5.60
N VAL A 458 -23.67 -16.30 5.34
CA VAL A 458 -23.48 -17.73 5.52
C VAL A 458 -23.18 -18.04 6.97
N LYS A 459 -23.84 -19.07 7.52
CA LYS A 459 -23.53 -19.61 8.84
C LYS A 459 -22.34 -20.55 8.68
N TRP A 460 -21.14 -20.00 8.82
CA TRP A 460 -19.89 -20.78 8.66
C TRP A 460 -19.64 -21.77 9.78
N GLY A 461 -20.44 -21.70 10.84
CA GLY A 461 -20.47 -22.72 11.88
C GLY A 461 -21.24 -24.00 11.58
N GLN A 462 -21.78 -24.15 10.36
CA GLN A 462 -22.53 -25.37 9.99
C GLN A 462 -22.03 -26.02 8.68
N GLN A 463 -21.84 -27.33 8.75
CA GLN A 463 -21.24 -28.09 7.66
C GLN A 463 -22.20 -28.19 6.48
N GLU A 464 -23.47 -28.47 6.77
CA GLU A 464 -24.54 -28.50 5.76
C GLU A 464 -24.64 -27.18 4.97
N ILE A 465 -24.50 -26.06 5.68
CA ILE A 465 -24.58 -24.73 5.08
C ILE A 465 -23.39 -24.50 4.17
N VAL A 466 -22.19 -24.60 4.73
CA VAL A 466 -20.94 -24.44 3.97
C VAL A 466 -20.93 -25.36 2.75
N ALA A 467 -21.47 -26.56 2.91
CA ALA A 467 -21.64 -27.50 1.80
C ALA A 467 -22.50 -26.87 0.71
N LYS A 468 -23.64 -26.33 1.11
CA LYS A 468 -24.57 -25.67 0.20
C LYS A 468 -23.95 -24.43 -0.45
N THR A 469 -23.16 -23.69 0.32
CA THR A 469 -22.47 -22.49 -0.17
C THR A 469 -21.44 -22.82 -1.24
N TYR A 470 -20.81 -24.00 -1.10
CA TYR A 470 -19.82 -24.48 -2.07
C TYR A 470 -20.51 -24.95 -3.36
N GLN A 471 -21.60 -25.69 -3.20
CA GLN A 471 -22.46 -26.11 -4.32
C GLN A 471 -22.96 -24.91 -5.13
N LEU A 472 -23.21 -23.81 -4.42
CA LEU A 472 -23.64 -22.54 -5.01
C LEU A 472 -22.51 -21.86 -5.77
N LEU A 473 -21.34 -21.78 -5.15
CA LEU A 473 -20.14 -21.24 -5.81
C LEU A 473 -19.69 -22.09 -7.02
N ALA A 474 -19.99 -23.38 -7.00
CA ALA A 474 -19.64 -24.28 -8.13
C ALA A 474 -20.24 -23.85 -9.48
N ARG A 475 -21.42 -23.23 -9.43
CA ARG A 475 -22.10 -22.69 -10.62
C ARG A 475 -22.02 -21.17 -10.60
N ARG A 476 -20.87 -20.63 -10.98
CA ARG A 476 -20.66 -19.18 -11.07
C ARG A 476 -20.33 -18.77 -12.51
N GLU A 477 -21.32 -18.91 -13.38
CA GLU A 477 -21.25 -18.35 -14.73
C GLU A 477 -21.29 -16.82 -14.69
N VAL A 478 -22.15 -16.26 -13.83
CA VAL A 478 -22.36 -14.80 -13.76
C VAL A 478 -21.13 -14.05 -13.23
N TRP A 479 -20.48 -14.63 -12.22
CA TRP A 479 -19.27 -14.05 -11.61
C TRP A 479 -18.13 -13.92 -12.58
N ASP A 480 -17.86 -15.00 -13.31
CA ASP A 480 -16.73 -15.05 -14.26
C ASP A 480 -16.93 -14.11 -15.45
N GLN A 481 -18.16 -14.02 -15.95
CA GLN A 481 -18.50 -13.12 -17.07
C GLN A 481 -18.56 -11.63 -16.70
N SER A 482 -18.69 -11.31 -15.40
CA SER A 482 -18.81 -9.92 -14.94
C SER A 482 -17.51 -9.14 -15.14
N ALA A 483 -17.63 -7.86 -15.52
CA ALA A 483 -16.47 -7.00 -15.71
C ALA A 483 -15.78 -6.78 -14.37
N LEU A 484 -14.45 -6.81 -14.37
CA LEU A 484 -13.66 -6.73 -13.12
C LEU A 484 -14.04 -5.49 -12.32
N ASP A 485 -14.39 -5.70 -11.05
CA ASP A 485 -14.61 -4.64 -10.09
C ASP A 485 -13.59 -4.88 -8.99
N VAL A 486 -12.64 -3.95 -8.86
CA VAL A 486 -11.50 -4.09 -7.96
C VAL A 486 -11.98 -3.92 -6.51
N GLY A 487 -12.79 -2.88 -6.29
CA GLY A 487 -13.43 -2.65 -4.99
C GLY A 487 -14.22 -3.84 -4.48
N LEU A 488 -14.97 -4.47 -5.38
CA LEU A 488 -15.73 -5.69 -5.04
C LEU A 488 -14.76 -6.82 -4.71
N THR A 489 -13.77 -7.05 -5.58
CA THR A 489 -12.74 -8.05 -5.35
C THR A 489 -12.04 -7.83 -4.00
N MET A 490 -11.75 -6.58 -3.68
CA MET A 490 -11.01 -6.23 -2.45
C MET A 490 -11.83 -6.53 -1.18
N GLN A 491 -13.15 -6.24 -1.20
CA GLN A 491 -14.04 -6.63 -0.09
C GLN A 491 -13.81 -8.08 0.31
N LEU A 492 -13.90 -8.97 -0.67
CA LEU A 492 -13.81 -10.41 -0.42
C LEU A 492 -12.46 -10.89 0.12
N LEU A 493 -11.40 -10.07 -0.01
CA LEU A 493 -10.10 -10.37 0.60
C LEU A 493 -9.84 -9.65 1.96
N ASP A 494 -10.84 -8.95 2.52
CA ASP A 494 -10.68 -8.28 3.83
C ASP A 494 -10.81 -9.29 4.98
N CYS A 495 -10.75 -8.78 6.22
CA CYS A 495 -10.84 -9.63 7.43
C CYS A 495 -12.16 -10.38 7.64
N ASN A 496 -13.23 -9.91 7.00
CA ASN A 496 -14.57 -10.51 7.18
C ASN A 496 -14.75 -11.84 6.47
N PHE A 497 -13.84 -12.18 5.55
CA PHE A 497 -13.95 -13.42 4.79
C PHE A 497 -12.71 -14.26 5.02
N SER A 498 -12.89 -15.34 5.77
CA SER A 498 -12.01 -16.49 5.69
C SER A 498 -12.69 -17.39 4.67
N ASP A 499 -12.19 -18.61 4.51
CA ASP A 499 -12.70 -19.56 3.52
C ASP A 499 -12.00 -19.37 2.19
N GLU A 500 -11.27 -20.42 1.76
CA GLU A 500 -10.41 -20.34 0.59
C GLU A 500 -11.21 -20.08 -0.69
N ASN A 501 -12.33 -20.77 -0.85
CA ASN A 501 -13.14 -20.66 -2.06
C ASN A 501 -13.70 -19.26 -2.27
N VAL A 502 -14.21 -18.66 -1.19
CA VAL A 502 -14.73 -17.30 -1.27
C VAL A 502 -13.61 -16.36 -1.68
N ARG A 503 -12.48 -16.46 -0.99
CA ARG A 503 -11.32 -15.61 -1.30
C ARG A 503 -10.69 -15.94 -2.67
N ALA A 504 -10.80 -17.20 -3.09
CA ALA A 504 -10.25 -17.66 -4.37
C ALA A 504 -10.90 -17.02 -5.59
N ILE A 505 -12.22 -16.82 -5.55
CA ILE A 505 -12.91 -16.17 -6.68
C ILE A 505 -12.53 -14.69 -6.76
N ALA A 506 -12.24 -14.08 -5.60
CA ALA A 506 -11.68 -12.74 -5.58
C ALA A 506 -10.41 -12.73 -6.42
N VAL A 507 -9.45 -13.57 -6.03
CA VAL A 507 -8.13 -13.63 -6.69
C VAL A 507 -8.27 -13.98 -8.19
N GLN A 508 -9.23 -14.84 -8.51
CA GLN A 508 -9.55 -15.19 -9.90
C GLN A 508 -9.82 -13.94 -10.74
N LYS A 509 -10.52 -12.95 -10.20
CA LYS A 509 -10.80 -11.70 -10.94
C LYS A 509 -9.57 -10.81 -11.10
N LEU A 510 -8.66 -10.82 -10.12
CA LEU A 510 -7.43 -10.03 -10.23
C LEU A 510 -6.54 -10.48 -11.40
N GLU A 511 -6.61 -11.77 -11.76
CA GLU A 511 -5.82 -12.33 -12.87
C GLU A 511 -5.92 -11.49 -14.14
N SER A 512 -7.11 -10.91 -14.38
CA SER A 512 -7.35 -10.08 -15.57
C SER A 512 -6.65 -8.73 -15.56
N LEU A 513 -6.23 -8.24 -14.39
CA LEU A 513 -5.50 -6.97 -14.27
C LEU A 513 -4.18 -7.02 -15.04
N GLU A 514 -3.99 -6.05 -15.94
CA GLU A 514 -2.69 -5.87 -16.58
C GLU A 514 -1.68 -5.29 -15.58
N ASP A 515 -0.38 -5.43 -15.87
CA ASP A 515 0.70 -5.07 -14.93
C ASP A 515 0.56 -3.67 -14.35
N ASP A 516 0.15 -2.72 -15.20
CA ASP A 516 -0.05 -1.32 -14.80
C ASP A 516 -1.00 -1.23 -13.61
N ASP A 517 -2.16 -1.87 -13.74
CA ASP A 517 -3.18 -1.88 -12.67
C ASP A 517 -2.74 -2.66 -11.44
N VAL A 518 -1.82 -3.62 -11.58
CA VAL A 518 -1.36 -4.41 -10.42
C VAL A 518 -0.51 -3.56 -9.48
N LEU A 519 0.43 -2.80 -10.04
CA LEU A 519 1.22 -1.80 -9.29
C LEU A 519 0.36 -0.83 -8.48
N HIS A 520 -0.71 -0.33 -9.10
CA HIS A 520 -1.63 0.59 -8.42
C HIS A 520 -2.19 0.04 -7.14
N TYR A 521 -2.50 -1.25 -7.14
CA TYR A 521 -3.14 -1.91 -5.99
C TYR A 521 -2.21 -2.81 -5.16
N LEU A 522 -0.94 -2.94 -5.56
CA LEU A 522 -0.02 -3.95 -4.99
C LEU A 522 0.19 -3.88 -3.46
N LEU A 523 0.41 -2.67 -2.93
CA LEU A 523 0.63 -2.50 -1.49
C LEU A 523 -0.55 -3.03 -0.68
N GLN A 524 -1.76 -2.58 -1.02
CA GLN A 524 -2.98 -3.09 -0.39
C GLN A 524 -3.09 -4.61 -0.48
N LEU A 525 -2.82 -5.15 -1.67
CA LEU A 525 -2.84 -6.59 -1.88
C LEU A 525 -1.79 -7.31 -1.01
N VAL A 526 -0.59 -6.73 -0.87
CA VAL A 526 0.44 -7.27 0.01
C VAL A 526 -0.05 -7.25 1.45
N GLN A 527 -0.68 -6.14 1.86
CA GLN A 527 -1.24 -6.05 3.21
C GLN A 527 -2.38 -7.08 3.41
N ALA A 528 -3.18 -7.32 2.38
CA ALA A 528 -4.31 -8.27 2.46
C ALA A 528 -3.91 -9.71 2.78
N VAL A 529 -2.64 -10.04 2.52
CA VAL A 529 -2.06 -11.31 2.96
C VAL A 529 -2.18 -11.45 4.49
N LYS A 530 -2.14 -10.36 5.24
CA LYS A 530 -2.34 -10.40 6.70
C LYS A 530 -3.68 -11.01 7.11
N PHE A 531 -4.70 -10.91 6.25
CA PHE A 531 -6.03 -11.48 6.52
C PHE A 531 -6.18 -12.94 6.07
N GLU A 532 -5.13 -13.50 5.47
CA GLU A 532 -5.15 -14.91 5.03
C GLU A 532 -4.99 -15.81 6.26
N PRO A 533 -5.89 -16.81 6.42
CA PRO A 533 -5.72 -17.75 7.51
C PRO A 533 -4.46 -18.60 7.39
N TYR A 534 -4.14 -19.02 6.16
CA TYR A 534 -3.01 -19.92 5.91
C TYR A 534 -1.89 -19.23 5.14
N HIS A 535 -0.65 -19.62 5.47
CA HIS A 535 0.55 -19.06 4.85
C HIS A 535 0.54 -19.16 3.34
N ASP A 536 0.41 -20.38 2.82
CA ASP A 536 0.15 -20.60 1.39
C ASP A 536 -1.29 -20.20 1.09
N SER A 537 -1.47 -19.41 0.04
CA SER A 537 -2.80 -18.93 -0.37
C SER A 537 -2.78 -18.43 -1.80
N ALA A 538 -3.95 -18.41 -2.44
CA ALA A 538 -4.10 -17.95 -3.83
C ALA A 538 -3.58 -16.52 -4.02
N LEU A 539 -3.81 -15.68 -3.01
CA LEU A 539 -3.34 -14.31 -3.01
C LEU A 539 -1.83 -14.25 -2.96
N ALA A 540 -1.23 -14.98 -2.02
CA ALA A 540 0.23 -15.07 -1.95
C ALA A 540 0.80 -15.51 -3.29
N ARG A 541 0.20 -16.57 -3.85
CA ARG A 541 0.61 -17.09 -5.15
C ARG A 541 0.36 -16.15 -6.32
N PHE A 542 -0.65 -15.29 -6.21
CA PHE A 542 -0.90 -14.27 -7.24
C PHE A 542 0.23 -13.26 -7.25
N LEU A 543 0.54 -12.74 -6.07
CA LEU A 543 1.62 -11.78 -5.88
C LEU A 543 2.97 -12.30 -6.40
N LEU A 544 3.35 -13.49 -5.93
CA LEU A 544 4.58 -14.16 -6.36
C LEU A 544 4.66 -14.28 -7.88
N LYS A 545 3.58 -14.78 -8.47
CA LYS A 545 3.48 -14.99 -9.91
C LYS A 545 3.66 -13.67 -10.63
N ARG A 546 2.86 -12.68 -10.26
CA ARG A 546 2.91 -11.37 -10.92
C ARG A 546 4.25 -10.69 -10.75
N GLY A 547 4.84 -10.83 -9.57
CA GLY A 547 6.19 -10.33 -9.30
C GLY A 547 7.25 -10.93 -10.21
N LEU A 548 7.19 -12.24 -10.39
CA LEU A 548 8.14 -12.96 -11.25
C LEU A 548 7.97 -12.67 -12.75
N ARG A 549 6.78 -12.23 -13.15
CA ARG A 549 6.48 -11.98 -14.56
C ARG A 549 6.94 -10.59 -15.03
N ASN A 550 7.02 -9.63 -14.11
CA ASN A 550 7.44 -8.27 -14.43
C ASN A 550 8.38 -7.72 -13.35
N LYS A 551 9.57 -7.29 -13.78
CA LYS A 551 10.59 -6.75 -12.90
C LYS A 551 10.15 -5.53 -12.08
N ARG A 552 9.26 -4.70 -12.62
CA ARG A 552 8.81 -3.50 -11.91
C ARG A 552 7.95 -3.92 -10.72
N ILE A 553 6.94 -4.74 -10.97
CA ILE A 553 6.13 -5.35 -9.90
C ILE A 553 7.02 -6.11 -8.90
N GLY A 554 7.95 -6.90 -9.43
CA GLY A 554 8.92 -7.61 -8.60
C GLY A 554 9.72 -6.70 -7.66
N HIS A 555 10.19 -5.58 -8.20
CA HIS A 555 10.98 -4.62 -7.43
C HIS A 555 10.20 -4.11 -6.25
N PHE A 556 9.01 -3.59 -6.50
CA PHE A 556 8.19 -3.03 -5.43
C PHE A 556 7.65 -4.11 -4.48
N LEU A 557 7.45 -5.34 -4.96
CA LEU A 557 7.04 -6.44 -4.10
C LEU A 557 8.09 -6.67 -3.03
N PHE A 558 9.33 -6.86 -3.47
CA PHE A 558 10.49 -7.03 -2.58
C PHE A 558 10.48 -6.03 -1.42
N TRP A 559 10.42 -4.75 -1.76
CA TRP A 559 10.46 -3.68 -0.75
C TRP A 559 9.25 -3.64 0.14
N PHE A 560 8.07 -3.89 -0.42
CA PHE A 560 6.84 -3.93 0.37
C PHE A 560 6.87 -5.11 1.35
N LEU A 561 7.35 -6.26 0.87
CA LEU A 561 7.56 -7.44 1.72
C LEU A 561 8.67 -7.22 2.76
N ARG A 562 9.75 -6.60 2.33
CA ARG A 562 10.86 -6.32 3.23
C ARG A 562 10.47 -5.34 4.33
N SER A 563 9.62 -4.37 4.00
CA SER A 563 9.07 -3.44 4.99
C SER A 563 8.46 -4.15 6.19
N GLU A 564 7.50 -5.05 5.91
CA GLU A 564 6.79 -5.79 6.96
C GLU A 564 7.68 -6.81 7.69
N ILE A 565 8.53 -7.51 6.95
CA ILE A 565 9.52 -8.44 7.53
C ILE A 565 10.43 -7.74 8.55
N ALA A 566 10.84 -6.51 8.23
CA ALA A 566 11.77 -5.77 9.07
C ALA A 566 11.17 -5.20 10.35
N GLN A 567 9.83 -5.20 10.49
CA GLN A 567 9.18 -4.60 11.66
C GLN A 567 7.87 -5.20 12.20
N SER A 568 7.21 -6.08 11.45
CA SER A 568 6.04 -6.79 11.97
C SER A 568 6.44 -8.17 12.50
N ARG A 569 6.48 -8.32 13.82
CA ARG A 569 6.68 -9.63 14.45
C ARG A 569 5.44 -10.53 14.25
N HIS A 570 4.26 -9.90 14.16
CA HIS A 570 3.01 -10.62 13.89
C HIS A 570 2.98 -11.32 12.55
N TYR A 571 3.66 -10.76 11.54
CA TYR A 571 3.66 -11.34 10.18
C TYR A 571 5.00 -11.51 9.46
N GLN A 572 6.13 -11.23 10.11
CA GLN A 572 7.44 -11.38 9.44
C GLN A 572 7.73 -12.79 8.95
N GLN A 573 7.25 -13.79 9.67
CA GLN A 573 7.52 -15.18 9.34
C GLN A 573 6.89 -15.60 8.02
N ARG A 574 5.66 -15.16 7.80
CA ARG A 574 4.92 -15.50 6.58
C ARG A 574 5.49 -14.79 5.37
N PHE A 575 5.52 -13.46 5.43
CA PHE A 575 6.03 -12.62 4.34
C PHE A 575 7.43 -13.03 3.86
N ALA A 576 8.29 -13.48 4.79
CA ALA A 576 9.65 -13.90 4.43
C ALA A 576 9.65 -15.16 3.56
N VAL A 577 8.82 -16.14 3.91
CA VAL A 577 8.64 -17.34 3.08
C VAL A 577 8.10 -17.01 1.68
N ILE A 578 7.33 -15.93 1.56
CA ILE A 578 6.85 -15.44 0.25
C ILE A 578 7.96 -14.72 -0.51
N LEU A 579 8.71 -13.87 0.18
CA LEU A 579 9.82 -13.12 -0.45
C LEU A 579 10.96 -14.05 -0.84
N GLU A 580 11.29 -15.01 0.02
CA GLU A 580 12.30 -16.02 -0.31
C GLU A 580 11.89 -16.71 -1.61
N ALA A 581 10.61 -17.11 -1.67
CA ALA A 581 10.01 -17.70 -2.86
C ALA A 581 10.21 -16.81 -4.08
N TYR A 582 9.99 -15.50 -3.95
CA TYR A 582 10.22 -14.57 -5.06
C TYR A 582 11.68 -14.52 -5.50
N LEU A 583 12.57 -14.14 -4.57
CA LEU A 583 14.01 -14.01 -4.84
C LEU A 583 14.66 -15.25 -5.46
N ARG A 584 14.14 -16.43 -5.12
CA ARG A 584 14.58 -17.69 -5.72
C ARG A 584 14.21 -17.85 -7.21
N GLY A 585 13.41 -16.93 -7.77
CA GLY A 585 13.10 -16.92 -9.20
C GLY A 585 13.25 -15.61 -9.96
N CYS A 586 13.66 -14.55 -9.27
CA CYS A 586 13.74 -13.21 -9.86
C CYS A 586 14.88 -13.07 -10.88
N GLY A 587 15.94 -13.85 -10.67
CA GLY A 587 17.09 -13.88 -11.58
C GLY A 587 18.33 -13.39 -10.88
N THR A 588 19.49 -13.85 -11.35
CA THR A 588 20.77 -13.45 -10.77
C THR A 588 21.10 -11.98 -11.01
N ALA A 589 20.63 -11.43 -12.14
CA ALA A 589 20.79 -10.00 -12.40
C ALA A 589 20.15 -9.16 -11.29
N MET A 590 18.91 -9.50 -10.90
CA MET A 590 18.17 -8.74 -9.88
C MET A 590 18.67 -8.97 -8.46
N LEU A 591 18.98 -10.22 -8.11
CA LEU A 591 19.56 -10.54 -6.78
C LEU A 591 20.80 -9.68 -6.48
N HIS A 592 21.69 -9.55 -7.48
CA HIS A 592 22.85 -8.64 -7.38
C HIS A 592 22.42 -7.20 -7.26
N ASP A 593 21.34 -6.85 -7.94
CA ASP A 593 20.82 -5.48 -7.93
C ASP A 593 20.19 -5.14 -6.57
N PHE A 594 19.36 -6.04 -6.05
CA PHE A 594 18.77 -5.89 -4.71
C PHE A 594 19.85 -5.78 -3.63
N THR A 595 20.89 -6.60 -3.73
CA THR A 595 21.98 -6.59 -2.76
C THR A 595 22.65 -5.21 -2.71
N GLN A 596 23.05 -4.69 -3.87
CA GLN A 596 23.57 -3.31 -3.97
C GLN A 596 22.71 -2.31 -3.20
N GLN A 597 21.41 -2.35 -3.48
CA GLN A 597 20.45 -1.43 -2.87
C GLN A 597 20.37 -1.57 -1.36
N VAL A 598 20.28 -2.82 -0.90
CA VAL A 598 20.25 -3.16 0.54
C VAL A 598 21.50 -2.69 1.28
N GLN A 599 22.66 -2.79 0.63
CA GLN A 599 23.93 -2.37 1.22
C GLN A 599 24.07 -0.84 1.26
N VAL A 600 23.53 -0.14 0.25
CA VAL A 600 23.50 1.32 0.25
C VAL A 600 22.58 1.84 1.36
N ILE A 601 21.41 1.23 1.49
CA ILE A 601 20.43 1.63 2.52
C ILE A 601 21.00 1.41 3.93
N GLU A 602 21.60 0.24 4.15
CA GLU A 602 22.19 -0.10 5.46
C GLU A 602 23.34 0.82 5.87
N MET A 603 24.09 1.36 4.91
CA MET A 603 25.07 2.43 5.17
C MET A 603 24.37 3.72 5.56
N LEU A 604 23.46 4.16 4.71
CA LEU A 604 22.85 5.49 4.82
C LEU A 604 22.00 5.66 6.08
N GLN A 605 21.36 4.58 6.53
CA GLN A 605 20.65 4.57 7.83
C GLN A 605 21.63 4.63 9.02
N LYS A 606 22.82 4.05 8.87
CA LYS A 606 23.86 4.12 9.91
C LYS A 606 24.30 5.55 10.16
N VAL A 607 24.47 6.33 9.10
CA VAL A 607 24.84 7.75 9.24
C VAL A 607 23.71 8.55 9.88
N THR A 608 22.47 8.27 9.43
CA THR A 608 21.27 8.96 9.94
C THR A 608 21.13 8.87 11.45
N LEU A 609 21.24 7.65 11.97
CA LEU A 609 21.05 7.37 13.40
C LEU A 609 22.20 7.90 14.26
N ASP A 610 23.43 7.77 13.76
CA ASP A 610 24.63 8.25 14.46
C ASP A 610 24.67 9.79 14.55
N ILE A 611 24.22 10.46 13.49
CA ILE A 611 24.10 11.92 13.49
C ILE A 611 22.90 12.39 14.35
N LYS A 612 21.81 11.62 14.37
CA LYS A 612 20.63 11.92 15.19
C LYS A 612 20.94 12.05 16.70
N SER A 613 21.89 11.25 17.18
CA SER A 613 22.35 11.31 18.57
C SER A 613 23.09 12.62 18.85
N LEU A 614 24.07 12.95 18.01
CA LEU A 614 24.94 14.13 18.20
C LEU A 614 24.18 15.43 17.91
N ASP A 620 17.94 21.31 16.85
CA ASP A 620 18.50 22.33 15.96
C ASP A 620 19.97 22.05 15.61
N VAL A 621 20.45 22.68 14.54
CA VAL A 621 21.79 22.39 13.98
C VAL A 621 22.91 23.16 14.68
N SER A 622 24.07 22.50 14.82
CA SER A 622 25.29 23.11 15.34
C SER A 622 26.44 22.96 14.33
N SER A 623 27.60 23.51 14.66
CA SER A 623 28.78 23.46 13.79
C SER A 623 29.34 22.05 13.63
N GLN A 624 29.49 21.34 14.74
CA GLN A 624 30.05 19.98 14.76
C GLN A 624 29.18 18.95 14.03
N VAL A 625 27.87 19.16 14.00
CA VAL A 625 26.95 18.27 13.27
C VAL A 625 27.11 18.42 11.75
N ILE A 626 27.25 19.66 11.30
CA ILE A 626 27.54 19.96 9.88
C ILE A 626 28.92 19.42 9.48
N SER A 627 29.89 19.55 10.39
CA SER A 627 31.26 19.07 10.17
C SER A 627 31.34 17.55 10.07
N GLN A 628 30.82 16.86 11.10
CA GLN A 628 30.86 15.39 11.19
C GLN A 628 30.18 14.66 10.00
N LEU A 629 29.06 15.21 9.52
CA LEU A 629 28.30 14.63 8.40
C LEU A 629 29.11 14.59 7.11
N LYS A 630 29.73 15.71 6.77
CA LYS A 630 30.60 15.82 5.60
C LYS A 630 31.84 14.92 5.68
N GLN A 631 32.33 14.65 6.89
CA GLN A 631 33.38 13.64 7.11
C GLN A 631 32.82 12.22 6.96
N LYS A 632 31.63 11.98 7.54
CA LYS A 632 30.98 10.67 7.46
C LYS A 632 30.61 10.24 6.04
N LEU A 633 30.11 11.18 5.23
CA LEU A 633 29.76 10.91 3.83
C LEU A 633 31.00 10.69 2.93
N GLU A 634 32.10 11.36 3.27
CA GLU A 634 33.38 11.16 2.57
C GLU A 634 33.98 9.77 2.81
N ASN A 635 33.92 9.31 4.06
CA ASN A 635 34.45 7.99 4.44
C ASN A 635 33.73 6.83 3.74
N LEU A 636 32.42 6.97 3.58
CA LEU A 636 31.61 5.98 2.85
C LEU A 636 31.88 6.03 1.34
N GLN A 637 31.87 7.24 0.78
CA GLN A 637 32.07 7.43 -0.67
C GLN A 637 33.47 7.01 -1.15
N ASN A 638 34.48 7.23 -0.32
CA ASN A 638 35.88 6.90 -0.66
C ASN A 638 36.22 5.40 -0.66
N SER A 639 35.39 4.58 -0.01
CA SER A 639 35.62 3.12 0.06
C SER A 639 34.35 2.29 0.04
N GLN A 640 33.46 2.53 1.01
CA GLN A 640 32.31 1.63 1.27
C GLN A 640 31.22 1.64 0.20
N LEU A 641 30.73 2.84 -0.14
CA LEU A 641 29.57 3.04 -1.01
C LEU A 641 29.86 2.63 -2.47
N PRO A 642 28.84 2.10 -3.21
CA PRO A 642 29.12 1.64 -4.58
C PRO A 642 29.42 2.74 -5.59
N GLU A 643 29.75 2.33 -6.81
CA GLU A 643 29.83 3.25 -7.96
C GLU A 643 28.43 3.75 -8.30
N SER A 644 27.45 2.83 -8.34
CA SER A 644 26.04 3.21 -8.53
C SER A 644 25.05 2.15 -8.01
N PHE A 645 23.80 2.56 -7.85
CA PHE A 645 22.74 1.72 -7.28
C PHE A 645 21.35 2.21 -7.70
N ARG A 646 20.39 1.30 -7.83
CA ARG A 646 19.02 1.66 -8.19
C ARG A 646 18.34 2.41 -7.06
N VAL A 647 17.51 3.38 -7.43
CA VAL A 647 16.74 4.15 -6.46
C VAL A 647 15.55 3.28 -6.08
N PRO A 648 15.42 2.89 -4.79
CA PRO A 648 14.32 1.97 -4.43
C PRO A 648 12.92 2.49 -4.75
N TYR A 649 12.66 3.76 -4.45
CA TYR A 649 11.37 4.36 -4.79
C TYR A 649 11.14 4.58 -6.31
N ASP A 650 12.21 4.45 -7.12
CA ASP A 650 12.10 4.59 -8.58
C ASP A 650 13.19 3.77 -9.34
N PRO A 651 12.88 2.51 -9.72
CA PRO A 651 13.91 1.62 -10.28
C PRO A 651 14.34 1.88 -11.74
N GLY A 652 13.77 2.91 -12.37
CA GLY A 652 14.34 3.45 -13.60
C GLY A 652 15.64 4.21 -13.35
N LEU A 653 15.71 4.97 -12.26
CA LEU A 653 16.89 5.78 -11.93
C LEU A 653 18.00 4.97 -11.30
N LYS A 654 19.22 5.13 -11.81
CA LYS A 654 20.44 4.63 -11.18
C LYS A 654 21.18 5.83 -10.59
N ALA A 655 21.20 5.93 -9.27
CA ALA A 655 21.93 6.98 -8.57
C ALA A 655 23.42 6.67 -8.57
N GLY A 656 24.24 7.68 -8.86
CA GLY A 656 25.70 7.54 -8.92
C GLY A 656 26.38 8.01 -7.66
N ALA A 657 27.31 8.96 -7.79
CA ALA A 657 28.11 9.46 -6.66
C ALA A 657 27.30 10.41 -5.79
N LEU A 658 27.84 10.75 -4.62
CA LEU A 658 27.23 11.75 -3.73
C LEU A 658 27.67 13.16 -4.12
N ALA A 659 26.69 14.06 -4.25
CA ALA A 659 26.95 15.50 -4.31
C ALA A 659 27.07 16.01 -2.87
N ILE A 660 28.25 15.84 -2.28
CA ILE A 660 28.45 16.08 -0.84
C ILE A 660 28.12 17.52 -0.42
N GLU A 661 28.32 18.48 -1.34
CA GLU A 661 27.96 19.90 -1.13
C GLU A 661 26.48 20.10 -0.76
N LYS A 662 25.60 19.38 -1.48
CA LYS A 662 24.15 19.58 -1.37
C LYS A 662 23.50 18.80 -0.20
N CYS A 663 24.23 17.88 0.42
CA CYS A 663 23.70 17.07 1.52
C CYS A 663 23.65 17.87 2.82
N LYS A 664 22.60 17.66 3.62
CA LYS A 664 22.36 18.45 4.83
C LYS A 664 21.38 17.79 5.82
N VAL A 665 21.42 18.22 7.08
CA VAL A 665 20.52 17.71 8.14
C VAL A 665 19.50 18.76 8.53
N MET A 666 18.24 18.36 8.66
CA MET A 666 17.16 19.30 9.02
C MET A 666 17.25 19.67 10.49
N ALA A 667 16.92 20.93 10.78
CA ALA A 667 16.76 21.41 12.16
C ALA A 667 15.35 21.04 12.61
N SER A 668 15.20 19.79 13.01
CA SER A 668 13.95 19.25 13.57
C SER A 668 14.28 18.27 14.68
N LYS A 669 13.27 17.86 15.43
CA LYS A 669 13.44 16.87 16.50
C LYS A 669 13.84 15.50 15.92
N LYS A 670 13.16 15.10 14.86
CA LYS A 670 13.38 13.80 14.21
C LYS A 670 14.72 13.71 13.45
N LYS A 671 15.24 14.86 13.00
CA LYS A 671 16.54 14.94 12.31
C LYS A 671 16.68 14.01 11.08
N PRO A 672 15.97 14.34 9.97
CA PRO A 672 16.13 13.63 8.70
C PRO A 672 17.36 14.07 7.90
N LEU A 673 17.89 13.16 7.10
CA LEU A 673 19.07 13.41 6.26
C LEU A 673 18.63 13.71 4.85
N TRP A 674 18.80 14.95 4.41
CA TRP A 674 18.57 15.34 3.02
C TRP A 674 19.82 15.04 2.27
N LEU A 675 19.77 14.00 1.43
CA LEU A 675 20.91 13.54 0.66
C LEU A 675 20.63 13.70 -0.83
N GLU A 676 21.69 13.91 -1.60
CA GLU A 676 21.57 14.31 -3.00
C GLU A 676 22.65 13.62 -3.84
N PHE A 677 22.21 12.93 -4.89
CA PHE A 677 23.08 12.11 -5.73
C PHE A 677 23.10 12.61 -7.17
N LYS A 678 24.27 12.58 -7.78
CA LYS A 678 24.41 12.69 -9.24
C LYS A 678 23.86 11.41 -9.88
N CYS A 679 23.40 11.51 -11.12
CA CYS A 679 22.89 10.34 -11.85
C CYS A 679 24.04 9.54 -12.46
N ALA A 680 23.99 8.23 -12.28
CA ALA A 680 25.00 7.31 -12.81
C ALA A 680 24.92 7.14 -14.33
N ASP A 681 23.76 7.40 -14.93
CA ASP A 681 23.57 7.29 -16.39
C ASP A 681 24.20 8.50 -17.07
N PRO A 682 25.19 8.28 -17.97
CA PRO A 682 25.77 9.41 -18.70
C PRO A 682 24.84 10.02 -19.76
N THR A 683 23.90 9.23 -20.27
CA THR A 683 22.96 9.69 -21.31
C THR A 683 21.81 10.57 -20.78
N ALA A 684 21.75 10.80 -19.47
CA ALA A 684 20.73 11.67 -18.86
C ALA A 684 20.77 13.08 -19.44
N LEU A 685 19.60 13.65 -19.69
CA LEU A 685 19.47 14.91 -20.44
C LEU A 685 20.02 16.12 -19.67
N SER A 686 19.66 16.24 -18.39
CA SER A 686 20.05 17.36 -17.54
C SER A 686 21.21 17.02 -16.62
N ASN A 687 21.68 18.02 -15.87
CA ASN A 687 22.65 17.86 -14.79
C ASN A 687 21.98 17.79 -13.40
N GLU A 688 20.65 17.59 -13.36
CA GLU A 688 19.89 17.60 -12.10
C GLU A 688 20.12 16.33 -11.27
N THR A 689 20.24 16.51 -9.96
CA THR A 689 20.52 15.43 -9.01
C THR A 689 19.28 14.61 -8.67
N ILE A 690 19.52 13.36 -8.24
CA ILE A 690 18.50 12.50 -7.63
C ILE A 690 18.56 12.74 -6.12
N GLY A 691 17.45 13.20 -5.54
CA GLY A 691 17.41 13.57 -4.11
C GLY A 691 16.75 12.50 -3.25
N ILE A 692 17.21 12.35 -2.01
CA ILE A 692 16.64 11.38 -1.06
C ILE A 692 16.63 11.94 0.38
N ILE A 693 15.56 11.68 1.12
CA ILE A 693 15.46 12.01 2.55
C ILE A 693 15.38 10.71 3.34
N PHE A 694 16.47 10.37 4.04
CA PHE A 694 16.45 9.28 5.03
C PHE A 694 16.00 9.83 6.39
N LYS A 695 15.02 9.18 7.02
CA LYS A 695 14.44 9.67 8.28
C LYS A 695 14.20 8.53 9.28
N HIS A 696 14.57 8.77 10.54
CA HIS A 696 14.24 7.89 11.66
C HIS A 696 13.31 8.60 12.61
N GLY A 697 12.31 7.86 13.12
CA GLY A 697 11.40 8.37 14.16
C GLY A 697 9.93 8.27 13.79
N ASP A 698 9.61 8.54 12.53
CA ASP A 698 8.25 8.34 12.00
C ASP A 698 8.11 6.92 11.46
N ASP A 699 6.86 6.41 11.45
CA ASP A 699 6.53 5.16 10.75
C ASP A 699 6.13 5.48 9.31
N LEU A 700 7.03 5.22 8.36
CA LEU A 700 6.84 5.59 6.94
C LEU A 700 5.91 4.64 6.15
N ARG A 701 5.48 3.54 6.77
CA ARG A 701 4.42 2.71 6.20
C ARG A 701 3.06 3.42 6.15
N GLN A 702 2.86 4.40 7.02
CA GLN A 702 1.67 5.26 6.98
C GLN A 702 1.77 6.28 5.83
N ASP A 703 2.96 6.83 5.59
CA ASP A 703 3.24 7.66 4.42
C ASP A 703 3.01 6.88 3.12
N MET A 704 3.54 5.64 3.07
CA MET A 704 3.32 4.73 1.95
C MET A 704 1.84 4.57 1.59
N LEU A 705 1.03 4.20 2.60
CA LEU A 705 -0.37 3.85 2.36
C LEU A 705 -1.22 5.04 1.90
N ILE A 706 -0.92 6.22 2.43
CA ILE A 706 -1.65 7.44 2.04
C ILE A 706 -1.29 7.83 0.59
N LEU A 707 0.01 7.89 0.29
CA LEU A 707 0.48 8.20 -1.06
C LEU A 707 -0.06 7.20 -2.11
N GLN A 708 -0.29 5.95 -1.70
CA GLN A 708 -0.82 4.94 -2.61
C GLN A 708 -2.29 5.17 -2.95
N ILE A 709 -3.06 5.65 -1.98
CA ILE A 709 -4.45 6.02 -2.22
C ILE A 709 -4.55 7.24 -3.14
N LEU A 710 -3.66 8.22 -2.93
CA LEU A 710 -3.56 9.39 -3.81
C LEU A 710 -3.31 9.01 -5.29
N ARG A 711 -2.49 8.00 -5.52
CA ARG A 711 -2.33 7.44 -6.89
C ARG A 711 -3.62 6.81 -7.40
N ILE A 712 -4.35 6.13 -6.52
CA ILE A 712 -5.65 5.54 -6.88
C ILE A 712 -6.65 6.66 -7.20
N MET A 713 -6.62 7.74 -6.44
CA MET A 713 -7.49 8.89 -6.68
C MET A 713 -7.19 9.57 -8.02
N GLU A 714 -5.91 9.63 -8.40
CA GLU A 714 -5.53 10.16 -9.72
C GLU A 714 -6.10 9.31 -10.85
N SER A 715 -5.99 7.99 -10.70
CA SER A 715 -6.48 7.05 -11.71
C SER A 715 -7.99 7.14 -11.87
N ILE A 716 -8.71 7.27 -10.76
CA ILE A 716 -10.16 7.49 -10.77
C ILE A 716 -10.44 8.78 -11.53
N TRP A 717 -9.77 9.84 -11.13
CA TRP A 717 -9.91 11.15 -11.81
C TRP A 717 -9.56 11.13 -13.28
N GLU A 718 -8.55 10.34 -13.67
CA GLU A 718 -8.23 10.14 -15.08
C GLU A 718 -9.42 9.52 -15.86
N THR A 719 -10.10 8.53 -15.27
CA THR A 719 -11.23 7.84 -15.95
C THR A 719 -12.40 8.77 -16.26
N GLU A 720 -12.54 9.85 -15.50
CA GLU A 720 -13.53 10.90 -15.77
C GLU A 720 -12.86 12.22 -16.19
N SER A 721 -11.77 12.09 -16.97
CA SER A 721 -11.04 13.22 -17.58
C SER A 721 -10.80 14.41 -16.64
N LEU A 722 -10.07 14.13 -15.56
CA LEU A 722 -9.71 15.12 -14.55
C LEU A 722 -8.25 14.92 -14.13
N ASP A 723 -7.55 16.03 -13.89
CA ASP A 723 -6.16 16.02 -13.47
C ASP A 723 -5.96 17.11 -12.43
N LEU A 724 -6.10 16.73 -11.15
CA LEU A 724 -6.00 17.68 -10.04
C LEU A 724 -4.57 17.92 -9.51
N CYS A 725 -3.56 17.46 -10.26
CA CYS A 725 -2.15 17.87 -10.08
C CYS A 725 -1.54 17.51 -8.71
N LEU A 726 -1.85 16.30 -8.25
CA LEU A 726 -1.23 15.74 -7.06
C LEU A 726 0.25 15.43 -7.31
N LEU A 727 1.03 15.39 -6.24
CA LEU A 727 2.40 14.89 -6.26
C LEU A 727 2.57 13.78 -5.23
N PRO A 728 2.26 12.52 -5.63
CA PRO A 728 2.53 11.34 -4.79
C PRO A 728 3.97 10.86 -5.01
N TYR A 729 4.88 11.60 -4.38
CA TYR A 729 6.32 11.32 -4.42
C TYR A 729 6.67 9.92 -3.89
N GLY A 730 7.87 9.48 -4.21
CA GLY A 730 8.36 8.17 -3.80
C GLY A 730 8.54 8.10 -2.31
N CYS A 731 8.17 6.97 -1.72
CA CYS A 731 8.39 6.74 -0.29
C CYS A 731 8.45 5.24 -0.02
N ILE A 732 9.52 4.78 0.63
CA ILE A 732 9.64 3.36 1.00
C ILE A 732 10.13 3.19 2.43
N SER A 733 9.38 2.42 3.22
CA SER A 733 9.76 2.07 4.58
C SER A 733 10.74 0.91 4.52
N THR A 734 11.91 1.09 5.10
CA THR A 734 12.99 0.10 5.06
C THR A 734 13.11 -0.76 6.33
N GLY A 735 12.81 -0.16 7.49
CA GLY A 735 12.97 -0.84 8.79
C GLY A 735 12.04 -0.26 9.85
N ASP A 736 12.38 -0.49 11.13
CA ASP A 736 11.56 -0.03 12.26
C ASP A 736 11.70 1.49 12.47
N LYS A 737 10.58 2.21 12.32
CA LYS A 737 10.51 3.67 12.45
C LYS A 737 11.50 4.43 11.54
N ILE A 738 11.88 3.81 10.42
CA ILE A 738 12.98 4.29 9.59
C ILE A 738 12.72 3.98 8.11
N GLY A 739 13.32 4.76 7.23
CA GLY A 739 13.03 4.66 5.79
C GLY A 739 13.53 5.83 4.94
N MET A 740 12.77 6.14 3.89
CA MET A 740 13.31 6.84 2.72
C MET A 740 12.20 7.58 1.95
N ILE A 741 12.48 8.80 1.52
CA ILE A 741 11.52 9.62 0.75
C ILE A 741 12.19 10.35 -0.41
N GLU A 742 11.49 10.39 -1.55
CA GLU A 742 11.91 11.16 -2.74
C GLU A 742 11.83 12.65 -2.48
N ILE A 743 12.94 13.35 -2.64
CA ILE A 743 12.95 14.81 -2.55
C ILE A 743 12.26 15.39 -3.78
N VAL A 744 11.16 16.11 -3.56
CA VAL A 744 10.49 16.81 -4.66
C VAL A 744 11.27 18.09 -4.94
N LYS A 745 11.63 18.28 -6.21
CA LYS A 745 12.61 19.32 -6.58
C LYS A 745 11.97 20.70 -6.68
N ASP A 746 12.80 21.73 -6.47
CA ASP A 746 12.40 23.13 -6.57
C ASP A 746 11.16 23.43 -5.71
N ALA A 747 11.19 22.99 -4.45
CA ALA A 747 10.02 23.04 -3.56
C ALA A 747 10.37 23.53 -2.14
N THR A 748 9.50 24.38 -1.57
CA THR A 748 9.64 24.90 -0.20
C THR A 748 8.35 24.64 0.59
N THR A 749 8.46 24.71 1.93
CA THR A 749 7.30 24.58 2.82
C THR A 749 6.62 25.92 2.88
N ILE A 750 5.29 25.95 2.96
CA ILE A 750 4.57 27.25 2.98
C ILE A 750 4.79 28.04 4.28
N ALA A 751 5.28 27.37 5.33
CA ALA A 751 5.65 28.03 6.59
C ALA A 751 6.94 28.86 6.46
N LYS A 752 7.93 28.33 5.74
CA LYS A 752 9.16 29.09 5.41
C LYS A 752 8.86 30.34 4.59
N ILE A 753 7.91 30.23 3.66
CA ILE A 753 7.46 31.38 2.88
C ILE A 753 6.88 32.45 3.80
N GLN A 754 6.10 32.03 4.79
CA GLN A 754 5.52 32.95 5.79
C GLN A 754 6.60 33.51 6.71
N GLN A 755 7.30 32.65 7.44
CA GLN A 755 8.30 33.08 8.45
C GLN A 755 9.58 33.64 7.80
N SER A 756 9.48 34.86 7.27
CA SER A 756 10.56 35.50 6.52
C SER A 756 10.19 36.95 6.21
N THR A 761 5.36 37.12 17.31
CA THR A 761 5.69 35.92 16.55
C THR A 761 4.43 35.21 16.06
N GLY A 762 4.55 34.49 14.95
CA GLY A 762 3.43 33.75 14.38
C GLY A 762 2.42 34.63 13.65
N ALA A 763 2.87 35.80 13.19
CA ALA A 763 2.03 36.71 12.41
C ALA A 763 2.05 36.28 10.94
N PHE A 764 1.02 35.56 10.50
CA PHE A 764 0.92 35.11 9.11
C PHE A 764 0.40 36.25 8.23
N LYS A 765 0.83 36.24 6.95
CA LYS A 765 0.57 37.34 6.00
C LYS A 765 -0.15 36.82 4.75
N ASP A 766 -1.16 37.56 4.29
CA ASP A 766 -2.00 37.14 3.16
C ASP A 766 -1.27 37.18 1.81
N GLU A 767 -0.51 38.26 1.58
CA GLU A 767 0.09 38.54 0.26
C GLU A 767 1.25 37.62 -0.13
N VAL A 768 2.04 37.18 0.85
CA VAL A 768 3.40 36.66 0.62
C VAL A 768 3.52 35.44 -0.31
N LEU A 769 2.56 34.51 -0.28
CA LEU A 769 2.61 33.33 -1.15
C LEU A 769 2.44 33.74 -2.62
N ASN A 770 1.45 34.59 -2.88
CA ASN A 770 1.27 35.20 -4.20
C ASN A 770 2.53 35.93 -4.67
N HIS A 771 3.17 36.67 -3.77
CA HIS A 771 4.44 37.34 -4.07
C HIS A 771 5.56 36.36 -4.30
N TRP A 772 5.55 35.24 -3.56
CA TRP A 772 6.55 34.18 -3.71
C TRP A 772 6.51 33.56 -5.09
N LEU A 773 5.31 33.33 -5.62
CA LEU A 773 5.14 32.84 -6.99
C LEU A 773 5.62 33.83 -8.07
N LYS A 774 5.37 35.12 -7.86
CA LYS A 774 5.82 36.17 -8.79
C LYS A 774 7.36 36.24 -9.00
N GLU A 775 8.13 35.82 -7.99
CA GLU A 775 9.60 35.90 -8.04
C GLU A 775 10.22 34.67 -8.71
N LYS A 776 9.76 33.49 -8.31
CA LYS A 776 10.28 32.22 -8.83
C LYS A 776 9.82 31.89 -10.26
N SER A 777 8.83 32.63 -10.77
CA SER A 777 8.42 32.57 -12.18
C SER A 777 8.74 33.91 -12.87
N PRO A 778 9.55 33.89 -13.95
CA PRO A 778 9.94 35.15 -14.59
C PRO A 778 8.81 35.87 -15.36
N THR A 779 8.19 35.17 -16.30
CA THR A 779 7.14 35.75 -17.15
C THR A 779 5.81 35.78 -16.40
N GLU A 780 4.87 36.60 -16.87
CA GLU A 780 3.51 36.61 -16.34
C GLU A 780 2.77 35.34 -16.75
N GLU A 781 2.92 34.94 -18.02
CA GLU A 781 2.23 33.76 -18.55
C GLU A 781 2.67 32.46 -17.86
N LYS A 782 3.93 32.42 -17.41
CA LYS A 782 4.36 31.39 -16.45
C LYS A 782 3.62 31.58 -15.13
N PHE A 783 3.70 32.80 -14.57
CA PHE A 783 3.08 33.11 -13.27
C PHE A 783 1.60 32.72 -13.21
N GLN A 784 0.84 33.07 -14.24
CA GLN A 784 -0.57 32.67 -14.33
C GLN A 784 -0.69 31.16 -14.45
N ALA A 785 0.23 30.54 -15.21
CA ALA A 785 0.31 29.07 -15.31
C ALA A 785 0.58 28.41 -13.95
N ALA A 786 1.36 29.09 -13.11
CA ALA A 786 1.55 28.69 -11.71
C ALA A 786 0.26 28.82 -10.91
N VAL A 787 -0.40 29.98 -11.02
CA VAL A 787 -1.70 30.23 -10.36
C VAL A 787 -2.74 29.19 -10.79
N GLU A 788 -2.71 28.80 -12.07
CA GLU A 788 -3.61 27.77 -12.58
C GLU A 788 -3.32 26.44 -11.88
N ARG A 789 -2.05 26.02 -11.94
CA ARG A 789 -1.58 24.81 -11.25
C ARG A 789 -1.88 24.79 -9.75
N PHE A 790 -1.81 25.96 -9.11
CA PHE A 790 -2.21 26.10 -7.70
C PHE A 790 -3.68 25.77 -7.48
N VAL A 791 -4.56 26.29 -8.33
CA VAL A 791 -5.99 26.06 -8.20
C VAL A 791 -6.37 24.57 -8.29
N TYR A 792 -5.75 23.84 -9.22
CA TYR A 792 -5.96 22.38 -9.33
C TYR A 792 -5.36 21.61 -8.15
N SER A 793 -4.06 21.83 -7.92
CA SER A 793 -3.33 21.13 -6.87
C SER A 793 -3.97 21.38 -5.51
N CYS A 794 -4.27 22.65 -5.22
CA CYS A 794 -4.97 23.00 -3.98
C CYS A 794 -6.34 22.34 -3.89
N ALA A 795 -7.04 22.23 -5.01
CA ALA A 795 -8.37 21.63 -5.03
C ALA A 795 -8.31 20.14 -4.80
N GLY A 796 -7.35 19.49 -5.46
CA GLY A 796 -7.17 18.04 -5.34
C GLY A 796 -6.77 17.60 -3.95
N TYR A 797 -5.77 18.27 -3.40
CA TYR A 797 -5.33 17.98 -2.02
C TYR A 797 -6.37 18.33 -0.95
N CYS A 798 -7.30 19.25 -1.23
CA CYS A 798 -8.39 19.55 -0.31
C CYS A 798 -9.42 18.41 -0.28
N VAL A 799 -9.83 17.95 -1.46
CA VAL A 799 -10.83 16.89 -1.62
C VAL A 799 -10.32 15.58 -1.02
N ALA A 800 -9.11 15.19 -1.44
CA ALA A 800 -8.47 13.96 -1.02
C ALA A 800 -8.30 13.88 0.49
N THR A 801 -7.78 14.94 1.09
CA THR A 801 -7.57 14.98 2.55
C THR A 801 -8.87 15.02 3.35
N PHE A 802 -9.92 15.63 2.80
CA PHE A 802 -11.23 15.58 3.43
C PHE A 802 -11.73 14.14 3.51
N VAL A 803 -11.68 13.43 2.37
CA VAL A 803 -12.13 12.03 2.29
C VAL A 803 -11.37 11.10 3.23
N LEU A 804 -10.06 11.32 3.34
CA LEU A 804 -9.19 10.50 4.19
C LEU A 804 -9.12 10.97 5.66
N GLY A 805 -9.83 12.04 6.01
CA GLY A 805 -9.86 12.52 7.39
C GLY A 805 -8.56 13.10 7.94
N ILE A 806 -7.67 13.51 7.06
CA ILE A 806 -6.34 14.03 7.41
C ILE A 806 -6.18 15.49 6.92
N GLY A 807 -7.28 16.25 6.97
CA GLY A 807 -7.28 17.61 6.43
C GLY A 807 -6.61 18.66 7.30
N ASP A 808 -6.78 18.55 8.62
CA ASP A 808 -6.42 19.61 9.56
C ASP A 808 -4.89 19.63 9.84
N ARG A 809 -4.12 20.07 8.85
CA ARG A 809 -2.65 20.07 8.92
C ARG A 809 -2.11 21.44 9.33
N HIS A 810 -1.03 21.44 10.10
CA HIS A 810 -0.31 22.68 10.41
C HIS A 810 0.67 22.93 9.28
N ASN A 811 0.89 24.20 8.94
CA ASN A 811 1.45 24.56 7.61
C ASN A 811 2.93 24.25 7.32
N ASP A 812 3.68 23.82 8.34
CA ASP A 812 5.00 23.21 8.13
C ASP A 812 4.92 21.95 7.25
N ASN A 813 3.81 21.22 7.36
CA ASN A 813 3.56 19.98 6.60
C ASN A 813 2.76 20.20 5.29
N ILE A 814 2.87 21.40 4.69
CA ILE A 814 2.33 21.67 3.35
C ILE A 814 3.36 22.48 2.57
N MET A 815 3.62 22.03 1.34
CA MET A 815 4.68 22.58 0.50
C MET A 815 4.10 23.02 -0.83
N ILE A 816 4.91 23.76 -1.58
CA ILE A 816 4.57 24.22 -2.92
C ILE A 816 5.82 24.21 -3.80
N THR A 817 5.67 23.93 -5.09
CA THR A 817 6.79 23.98 -6.04
C THR A 817 6.87 25.38 -6.66
N GLU A 818 8.07 25.76 -7.14
CA GLU A 818 8.28 27.05 -7.82
C GLU A 818 7.25 27.28 -8.94
N THR A 819 6.85 26.21 -9.63
CA THR A 819 5.78 26.26 -10.64
C THR A 819 4.35 26.05 -10.06
N GLY A 820 4.15 26.41 -8.79
CA GLY A 820 2.82 26.52 -8.19
C GLY A 820 2.07 25.24 -7.84
N ASN A 821 2.77 24.11 -7.78
CA ASN A 821 2.16 22.81 -7.49
C ASN A 821 2.10 22.63 -5.98
N LEU A 822 0.92 22.83 -5.39
CA LEU A 822 0.74 22.57 -3.96
C LEU A 822 0.81 21.06 -3.70
N PHE A 823 1.36 20.68 -2.55
CA PHE A 823 1.35 19.27 -2.13
C PHE A 823 1.61 19.12 -0.62
N HIS A 824 0.85 18.21 0.01
CA HIS A 824 0.99 17.88 1.44
C HIS A 824 2.13 16.94 1.68
N ILE A 825 2.57 16.85 2.94
CA ILE A 825 3.64 15.91 3.34
C ILE A 825 3.48 15.34 4.76
N ASP A 826 4.28 14.31 5.04
CA ASP A 826 4.48 13.77 6.39
C ASP A 826 3.16 13.30 7.00
N PHE A 827 2.52 12.35 6.32
CA PHE A 827 1.21 11.83 6.74
C PHE A 827 1.29 10.94 7.99
N GLY A 828 2.44 10.31 8.21
CA GLY A 828 2.68 9.55 9.44
C GLY A 828 2.65 10.41 10.69
N HIS A 829 3.10 11.66 10.56
CA HIS A 829 3.07 12.64 11.65
C HIS A 829 1.67 12.91 12.13
N ILE A 830 0.73 13.10 11.21
CA ILE A 830 -0.67 13.40 11.56
C ILE A 830 -1.42 12.17 12.11
N LEU A 831 -1.17 11.00 11.52
CA LEU A 831 -1.87 9.78 11.92
C LEU A 831 -1.33 9.24 13.25
N GLY A 832 -1.81 9.85 14.34
CA GLY A 832 -1.33 9.57 15.70
C GLY A 832 -1.20 10.84 16.53
N GLU A 843 -12.24 23.64 18.16
CA GLU A 843 -12.37 24.24 16.83
C GLU A 843 -11.43 23.55 15.83
N ARG A 844 -11.99 23.00 14.77
CA ARG A 844 -11.24 22.16 13.81
C ARG A 844 -11.73 22.30 12.36
N VAL A 845 -10.84 22.71 11.45
CA VAL A 845 -11.16 22.92 10.02
C VAL A 845 -11.05 21.62 9.21
N PRO A 846 -11.94 21.46 8.19
CA PRO A 846 -11.96 20.22 7.42
C PRO A 846 -10.77 20.03 6.49
N PHE A 847 -10.15 21.12 6.04
CA PHE A 847 -8.90 21.06 5.27
C PHE A 847 -8.24 22.44 5.15
N VAL A 848 -6.92 22.45 4.98
CA VAL A 848 -6.17 23.71 4.91
C VAL A 848 -6.51 24.50 3.64
N LEU A 849 -7.23 25.61 3.84
CA LEU A 849 -7.47 26.63 2.80
C LEU A 849 -7.34 28.01 3.44
N THR A 850 -6.15 28.28 3.98
CA THR A 850 -5.88 29.55 4.67
C THR A 850 -5.95 30.75 3.71
N PRO A 851 -6.16 31.98 4.24
CA PRO A 851 -6.24 33.19 3.41
C PRO A 851 -5.12 33.35 2.38
N ASP A 852 -3.89 33.03 2.77
CA ASP A 852 -2.73 33.06 1.85
C ASP A 852 -2.98 32.35 0.51
N PHE A 853 -3.66 31.21 0.57
CA PHE A 853 -4.00 30.42 -0.61
C PHE A 853 -5.07 31.15 -1.40
N LEU A 854 -6.09 31.63 -0.69
CA LEU A 854 -7.20 32.37 -1.31
C LEU A 854 -6.72 33.64 -2.01
N PHE A 855 -5.70 34.30 -1.45
CA PHE A 855 -5.12 35.53 -2.03
C PHE A 855 -4.48 35.30 -3.41
N VAL A 856 -3.90 34.13 -3.63
CA VAL A 856 -3.45 33.73 -4.98
C VAL A 856 -4.64 33.66 -5.94
N MET A 857 -5.77 33.18 -5.44
CA MET A 857 -7.00 33.03 -6.22
C MET A 857 -7.78 34.35 -6.38
N GLY A 858 -7.28 35.43 -5.79
CA GLY A 858 -7.80 36.78 -6.04
C GLY A 858 -9.02 37.15 -5.21
N THR A 859 -9.20 36.50 -4.06
CA THR A 859 -10.33 36.77 -3.16
C THR A 859 -9.87 36.89 -1.69
N SER A 860 -10.58 37.73 -0.94
CA SER A 860 -10.21 38.07 0.44
C SER A 860 -11.45 38.35 1.30
N GLY A 861 -11.71 37.47 2.28
CA GLY A 861 -12.85 37.60 3.17
C GLY A 861 -14.16 37.15 2.54
N LYS A 862 -15.09 38.09 2.38
CA LYS A 862 -16.41 37.80 1.81
C LYS A 862 -16.41 37.60 0.29
N LYS A 863 -15.46 38.21 -0.40
CA LYS A 863 -15.50 38.34 -1.87
C LYS A 863 -15.40 37.02 -2.66
N THR A 864 -15.70 37.12 -3.96
CA THR A 864 -15.57 36.02 -4.93
C THR A 864 -14.61 36.44 -6.03
N SER A 865 -14.11 35.46 -6.80
CA SER A 865 -13.13 35.73 -7.87
C SER A 865 -13.10 34.60 -8.93
N PRO A 866 -12.61 34.91 -10.15
CA PRO A 866 -12.75 33.97 -11.28
C PRO A 866 -12.01 32.66 -11.10
N HIS A 867 -10.86 32.70 -10.42
CA HIS A 867 -10.15 31.48 -10.03
C HIS A 867 -10.85 30.76 -8.90
N PHE A 868 -11.38 31.50 -7.93
CA PHE A 868 -12.14 30.90 -6.82
C PHE A 868 -13.44 30.22 -7.27
N GLN A 869 -14.07 30.74 -8.31
CA GLN A 869 -15.20 30.06 -8.96
C GLN A 869 -14.73 28.74 -9.56
N LYS A 870 -13.60 28.78 -10.26
CA LYS A 870 -12.98 27.58 -10.85
C LYS A 870 -12.55 26.56 -9.78
N PHE A 871 -12.09 27.05 -8.62
CA PHE A 871 -11.73 26.21 -7.47
C PHE A 871 -12.93 25.39 -7.00
N GLN A 872 -14.03 26.07 -6.66
CA GLN A 872 -15.27 25.41 -6.23
C GLN A 872 -15.85 24.45 -7.25
N ASP A 873 -15.74 24.81 -8.54
CA ASP A 873 -16.24 23.97 -9.63
C ASP A 873 -15.50 22.64 -9.72
N ILE A 874 -14.17 22.69 -9.71
CA ILE A 874 -13.34 21.48 -9.81
C ILE A 874 -13.51 20.60 -8.56
N CYS A 875 -13.34 21.21 -7.38
CA CYS A 875 -13.63 20.57 -6.09
C CYS A 875 -14.95 19.80 -6.08
N VAL A 876 -16.01 20.36 -6.66
CA VAL A 876 -17.31 19.68 -6.76
C VAL A 876 -17.25 18.47 -7.71
N LYS A 877 -16.62 18.65 -8.87
CA LYS A 877 -16.48 17.58 -9.86
C LYS A 877 -15.67 16.43 -9.26
N ALA A 878 -14.48 16.76 -8.74
CA ALA A 878 -13.58 15.79 -8.12
C ALA A 878 -14.25 15.00 -7.00
N TYR A 879 -14.90 15.72 -6.09
CA TYR A 879 -15.62 15.10 -4.96
C TYR A 879 -16.64 14.09 -5.47
N LEU A 880 -17.51 14.53 -6.38
CA LEU A 880 -18.50 13.64 -7.00
C LEU A 880 -17.85 12.52 -7.83
N ALA A 881 -16.68 12.78 -8.41
CA ALA A 881 -15.91 11.77 -9.14
C ALA A 881 -15.49 10.63 -8.22
N LEU A 882 -14.84 10.99 -7.12
CA LEU A 882 -14.51 10.02 -6.08
C LEU A 882 -15.75 9.26 -5.59
N ARG A 883 -16.88 9.96 -5.44
CA ARG A 883 -18.15 9.34 -5.01
C ARG A 883 -18.73 8.31 -5.99
N HIS A 884 -18.37 8.38 -7.27
CA HIS A 884 -18.71 7.31 -8.22
C HIS A 884 -17.95 6.01 -7.97
N HIS A 885 -16.90 6.07 -7.15
CA HIS A 885 -16.15 4.89 -6.72
C HIS A 885 -16.19 4.77 -5.21
N THR A 886 -17.35 5.04 -4.62
CA THR A 886 -17.50 5.05 -3.14
C THR A 886 -16.99 3.76 -2.52
N ASN A 887 -17.59 2.63 -2.90
CA ASN A 887 -17.22 1.30 -2.35
C ASN A 887 -15.72 1.00 -2.37
N LEU A 888 -15.05 1.31 -3.48
CA LEU A 888 -13.59 1.10 -3.58
C LEU A 888 -12.82 1.90 -2.52
N LEU A 889 -13.16 3.18 -2.40
CA LEU A 889 -12.49 4.06 -1.43
C LEU A 889 -12.82 3.65 0.02
N ILE A 890 -14.03 3.16 0.24
CA ILE A 890 -14.44 2.68 1.57
C ILE A 890 -13.58 1.50 2.04
N ILE A 891 -13.35 0.55 1.14
CA ILE A 891 -12.56 -0.64 1.47
C ILE A 891 -11.06 -0.33 1.59
N LEU A 892 -10.53 0.50 0.68
CA LEU A 892 -9.14 0.97 0.79
C LEU A 892 -8.90 1.65 2.14
N PHE A 893 -9.81 2.54 2.52
CA PHE A 893 -9.79 3.22 3.82
C PHE A 893 -9.94 2.24 4.97
N SER A 894 -10.92 1.34 4.87
CA SER A 894 -11.12 0.30 5.86
C SER A 894 -9.83 -0.50 6.09
N MET A 895 -9.30 -1.06 5.01
CA MET A 895 -8.06 -1.86 5.04
C MET A 895 -6.80 -1.09 5.47
N MET A 896 -6.77 0.21 5.20
CA MET A 896 -5.67 1.07 5.62
C MET A 896 -5.63 1.07 7.14
N LEU A 897 -6.76 1.42 7.74
CA LEU A 897 -6.87 1.54 9.19
C LEU A 897 -6.57 0.21 9.89
N MET A 898 -6.98 -0.91 9.30
CA MET A 898 -6.78 -2.22 9.93
C MET A 898 -5.33 -2.75 9.84
N THR A 899 -4.67 -2.52 8.70
CA THR A 899 -3.33 -3.06 8.45
C THR A 899 -2.19 -2.09 8.71
N GLY A 900 -2.49 -0.78 8.67
CA GLY A 900 -1.47 0.28 8.71
C GLY A 900 -1.38 1.08 10.01
N MET A 901 -2.53 1.30 10.67
CA MET A 901 -2.62 2.23 11.81
C MET A 901 -3.23 1.59 13.07
N PRO A 902 -2.40 0.88 13.87
CA PRO A 902 -2.80 0.33 15.19
C PRO A 902 -3.38 1.32 16.19
N GLN A 903 -2.97 2.59 16.10
CA GLN A 903 -3.40 3.66 17.02
C GLN A 903 -4.93 3.78 17.14
N LEU A 904 -5.60 3.98 16.01
CA LEU A 904 -7.07 4.10 15.96
C LEU A 904 -7.67 3.26 14.83
N THR A 905 -8.48 2.27 15.19
CA THR A 905 -9.11 1.37 14.23
C THR A 905 -10.31 0.63 14.87
N SER A 906 -11.35 1.39 15.18
CA SER A 906 -12.63 0.87 15.68
C SER A 906 -13.76 1.10 14.66
N LYS A 907 -14.96 0.62 14.99
CA LYS A 907 -16.14 0.73 14.11
C LYS A 907 -16.41 2.16 13.65
N GLU A 908 -16.37 3.11 14.58
CA GLU A 908 -16.62 4.53 14.30
C GLU A 908 -15.55 5.15 13.42
N ASP A 909 -14.30 4.72 13.58
CA ASP A 909 -13.17 5.27 12.82
C ASP A 909 -13.23 4.90 11.34
N ILE A 910 -13.66 3.67 11.05
CA ILE A 910 -13.89 3.23 9.66
C ILE A 910 -15.10 3.97 9.07
N GLU A 911 -16.13 4.19 9.89
CA GLU A 911 -17.34 4.90 9.46
C GLU A 911 -17.20 6.43 9.27
N TYR A 912 -15.99 6.98 9.41
CA TYR A 912 -15.75 8.40 9.09
C TYR A 912 -15.94 8.67 7.59
N ILE A 913 -15.31 7.84 6.76
CA ILE A 913 -15.28 8.04 5.30
C ILE A 913 -16.66 7.94 4.64
N ARG A 914 -17.57 7.19 5.26
CA ARG A 914 -18.99 7.15 4.85
C ARG A 914 -19.58 8.56 4.88
N ASP A 915 -19.43 9.22 6.01
CA ASP A 915 -19.93 10.57 6.23
C ASP A 915 -19.17 11.58 5.38
N ALA A 916 -17.87 11.32 5.14
CA ALA A 916 -17.05 12.16 4.25
C ALA A 916 -17.51 12.05 2.79
N LEU A 917 -17.80 10.82 2.34
CA LEU A 917 -18.33 10.56 1.00
C LEU A 917 -19.84 10.83 0.84
N THR A 918 -20.53 11.20 1.93
CA THR A 918 -21.98 11.45 1.92
C THR A 918 -22.74 10.28 1.27
N VAL A 919 -22.55 9.10 1.83
CA VAL A 919 -23.23 7.88 1.39
C VAL A 919 -24.75 8.05 1.51
N GLY A 920 -25.49 7.52 0.55
CA GLY A 920 -26.95 7.58 0.53
C GLY A 920 -27.52 8.98 0.35
N LYS A 921 -26.85 9.81 -0.46
CA LYS A 921 -27.27 11.18 -0.71
C LYS A 921 -26.95 11.60 -2.16
N ASN A 922 -27.88 12.36 -2.76
CA ASN A 922 -27.78 12.72 -4.18
C ASN A 922 -26.76 13.81 -4.46
N GLU A 923 -26.41 13.96 -5.74
CA GLU A 923 -25.31 14.84 -6.16
C GLU A 923 -25.51 16.32 -5.83
N GLU A 924 -26.76 16.75 -5.64
CA GLU A 924 -27.04 18.12 -5.23
C GLU A 924 -26.79 18.35 -3.73
N ASP A 925 -27.32 17.45 -2.88
CA ASP A 925 -27.04 17.51 -1.44
C ASP A 925 -25.53 17.38 -1.15
N ALA A 926 -24.86 16.49 -1.89
CA ALA A 926 -23.40 16.30 -1.79
C ALA A 926 -22.58 17.53 -2.22
N LYS A 927 -23.00 18.19 -3.30
CA LYS A 927 -22.37 19.45 -3.75
C LYS A 927 -22.45 20.52 -2.66
N LYS A 928 -23.64 20.67 -2.08
CA LYS A 928 -23.88 21.59 -0.96
C LYS A 928 -22.99 21.30 0.25
N TYR A 929 -22.73 20.00 0.51
CA TYR A 929 -21.90 19.58 1.64
C TYR A 929 -20.50 20.12 1.53
N PHE A 930 -19.86 19.88 0.39
CA PHE A 930 -18.45 20.24 0.20
C PHE A 930 -18.23 21.74 0.13
N LEU A 931 -19.15 22.45 -0.54
CA LEU A 931 -19.08 23.92 -0.60
C LEU A 931 -19.21 24.54 0.79
N ASP A 932 -20.09 23.99 1.64
CA ASP A 932 -20.20 24.41 3.04
C ASP A 932 -18.90 24.16 3.82
N GLN A 933 -18.23 23.04 3.54
CA GLN A 933 -16.93 22.77 4.14
C GLN A 933 -15.86 23.78 3.69
N ILE A 934 -15.93 24.25 2.43
CA ILE A 934 -15.08 25.35 1.96
C ILE A 934 -15.37 26.64 2.73
N GLU A 935 -16.66 26.93 2.95
CA GLU A 935 -17.06 28.14 3.70
C GLU A 935 -16.60 28.14 5.16
N VAL A 936 -16.52 26.95 5.77
CA VAL A 936 -16.00 26.81 7.14
C VAL A 936 -14.56 27.29 7.22
N CYS A 937 -13.71 26.75 6.34
CA CYS A 937 -12.28 27.10 6.27
C CYS A 937 -12.01 28.61 6.22
N ARG A 938 -12.83 29.31 5.43
CA ARG A 938 -12.73 30.76 5.29
C ARG A 938 -13.23 31.46 6.54
N ASP A 939 -14.41 31.05 7.01
CA ASP A 939 -15.03 31.62 8.23
C ASP A 939 -14.13 31.55 9.48
N LYS A 940 -13.26 30.54 9.55
CA LYS A 940 -12.24 30.41 10.60
C LYS A 940 -10.93 31.12 10.23
N GLY A 941 -10.53 31.03 8.96
CA GLY A 941 -9.39 31.78 8.44
C GLY A 941 -8.05 31.33 8.96
N TRP A 942 -7.29 32.26 9.54
CA TRP A 942 -5.99 31.96 10.16
C TRP A 942 -6.09 31.29 11.51
N THR A 943 -7.29 31.27 12.11
CA THR A 943 -7.53 30.75 13.47
C THR A 943 -6.70 29.53 13.89
N VAL A 944 -6.83 28.45 13.13
CA VAL A 944 -6.19 27.17 13.49
C VAL A 944 -4.67 27.19 13.28
N GLN A 945 -4.21 27.78 12.18
CA GLN A 945 -2.77 27.89 11.89
C GLN A 945 -2.00 28.67 12.95
N PHE A 946 -2.58 29.78 13.40
CA PHE A 946 -2.07 30.55 14.56
C PHE A 946 -2.11 29.70 15.84
N ASN A 947 -3.16 28.90 16.02
CA ASN A 947 -3.34 28.05 17.20
C ASN A 947 -2.28 26.97 17.45
N TRP A 948 -1.51 26.60 16.42
CA TRP A 948 -0.39 25.67 16.61
C TRP A 948 0.71 26.26 17.42
N PHE A 949 1.18 27.45 17.05
CA PHE A 949 2.21 28.18 17.84
C PHE A 949 1.71 28.54 19.23
N LEU A 950 0.42 28.92 19.34
CA LEU A 950 -0.20 29.19 20.63
C LEU A 950 -0.24 27.95 21.54
N HIS A 951 -0.42 26.77 20.94
CA HIS A 951 -0.38 25.49 21.68
C HIS A 951 1.00 25.07 22.11
N LEU A 952 2.02 25.44 21.32
CA LEU A 952 3.44 25.23 21.72
C LEU A 952 3.81 26.04 22.98
N VAL A 953 3.28 27.26 23.09
CA VAL A 953 3.45 28.10 24.27
C VAL A 953 2.57 27.61 25.42
N LEU A 954 1.27 27.40 25.15
CA LEU A 954 0.33 26.85 26.12
C LEU A 954 0.54 25.35 26.28
#